data_8FX7
#
_entry.id   8FX7
#
_cell.length_a   104.333
_cell.length_b   104.782
_cell.length_c   106.557
_cell.angle_alpha   90.00
_cell.angle_beta   90.00
_cell.angle_gamma   90.00
#
_symmetry.space_group_name_H-M   'P 21 21 21'
#
loop_
_entity.id
_entity.type
_entity.pdbx_description
1 polymer 'PCP-C didomain'
2 non-polymer '2-({N-[(2R)-2-hydroxy-3,3-dimethyl-4-(phosphonooxy)butanoyl]-beta-alanyl}amino)ethyl L-leucinate'
3 water water
#
_entity_poly.entity_id   1
_entity_poly.type   'polypeptide(L)'
_entity_poly.pdbx_seq_one_letter_code
;VTAYEEIVCQVFAAVLDRSDVTADADFFALGGHSLLSLRVVARLRALLGVDVGVRDLFEAPTPAALAARLTTQTGRRPAV
TRRGPDAPPVLSHFQRGLWLIEQVYQTRGAYNVPLAVHVSDRLDLDVLRAAVRDLVARHEVLRTLVRSSDDGPDPVLLAP
EDAAVDVAEVQAAGPVADLLAELTAQPFDLATQIPLRVRMITGEQVDGCVLLLVCHHIAADEWSFAPLLRDLDTAYRARA
AGRAPDWEPLPAQYSDYAATLHDWLGEATDPASPLRRQLDYWQHALQDLPDELDLPTDRPRPATASHRGGLARAELPPEL
VEAVRRLAAQHGVTVFMVVQAAVAVLLHRLGAGDDIPLGSPVADRADEAVHDTVGFFLNTLVLRVNLSGNPTFADLLDRV
RAVDLEAFARADAPFDAVVDTVKPPRAVSRHPLFQTMVSYQRRPSDVDRLFGAATRLVEVPLDTAKFDLEFAFIEDGHGG
AHIALNYAADLFDHDSAEQLVARLRTVLEHACADPCRPVA
;
_entity_poly.pdbx_strand_id   A,B
#
# COMPACT_ATOMS: atom_id res chain seq x y z
N VAL A 1 10.90 -2.28 -13.13
CA VAL A 1 11.98 -2.00 -12.20
C VAL A 1 13.10 -3.03 -12.34
N THR A 2 14.30 -2.54 -12.66
CA THR A 2 15.45 -3.44 -12.79
C THR A 2 15.86 -4.06 -11.47
N ALA A 3 15.49 -3.44 -10.34
CA ALA A 3 15.91 -3.94 -9.03
C ALA A 3 15.32 -5.32 -8.75
N TYR A 4 14.03 -5.52 -9.05
CA TYR A 4 13.46 -6.86 -8.93
C TYR A 4 14.23 -7.86 -9.77
N GLU A 5 14.67 -7.44 -10.97
CA GLU A 5 15.35 -8.35 -11.87
C GLU A 5 16.68 -8.83 -11.30
N GLU A 6 17.45 -7.92 -10.69
CA GLU A 6 18.73 -8.34 -10.12
C GLU A 6 18.56 -9.14 -8.84
N ILE A 7 17.47 -8.90 -8.10
CA ILE A 7 17.23 -9.70 -6.89
C ILE A 7 16.88 -11.14 -7.27
N VAL A 8 16.03 -11.32 -8.29
CA VAL A 8 15.69 -12.66 -8.74
C VAL A 8 16.92 -13.36 -9.30
N CYS A 9 17.78 -12.62 -10.02
CA CYS A 9 19.03 -13.19 -10.52
C CYS A 9 19.90 -13.67 -9.36
N GLN A 10 20.09 -12.82 -8.35
CA GLN A 10 20.89 -13.19 -7.19
C GLN A 10 20.30 -14.40 -6.47
N VAL A 11 18.97 -14.53 -6.46
CA VAL A 11 18.34 -15.69 -5.82
C VAL A 11 18.54 -16.94 -6.67
N PHE A 12 18.34 -16.82 -7.99
CA PHE A 12 18.60 -17.94 -8.89
C PHE A 12 20.03 -18.43 -8.73
N ALA A 13 20.99 -17.49 -8.75
CA ALA A 13 22.40 -17.86 -8.66
C ALA A 13 22.70 -18.60 -7.36
N ALA A 14 22.15 -18.11 -6.25
CA ALA A 14 22.44 -18.74 -4.96
C ALA A 14 21.83 -20.14 -4.87
N VAL A 15 20.59 -20.30 -5.35
CA VAL A 15 19.91 -21.59 -5.23
C VAL A 15 20.52 -22.61 -6.17
N LEU A 16 20.66 -22.24 -7.45
CA LEU A 16 21.22 -23.16 -8.44
C LEU A 16 22.73 -23.31 -8.34
N ASP A 17 23.40 -22.51 -7.50
CA ASP A 17 24.86 -22.48 -7.40
C ASP A 17 25.48 -22.31 -8.79
N ARG A 18 25.09 -21.21 -9.44
CA ARG A 18 25.61 -20.88 -10.76
C ARG A 18 25.95 -19.40 -10.80
N SER A 19 26.98 -19.08 -11.58
CA SER A 19 27.46 -17.71 -11.73
C SER A 19 27.09 -17.12 -13.08
N ASP A 20 26.18 -17.75 -13.82
CA ASP A 20 25.85 -17.36 -15.18
C ASP A 20 24.37 -17.01 -15.33
N VAL A 21 23.74 -16.58 -14.25
CA VAL A 21 22.32 -16.26 -14.28
C VAL A 21 22.14 -14.90 -14.96
N THR A 22 21.50 -14.91 -16.12
CA THR A 22 21.15 -13.70 -16.85
C THR A 22 19.64 -13.50 -16.79
N ALA A 23 19.21 -12.29 -17.20
CA ALA A 23 17.81 -11.92 -17.08
C ALA A 23 16.90 -12.82 -17.92
N ASP A 24 17.44 -13.42 -18.97
CA ASP A 24 16.65 -14.26 -19.87
C ASP A 24 16.88 -15.75 -19.64
N ALA A 25 17.56 -16.12 -18.56
CA ALA A 25 17.88 -17.52 -18.30
C ALA A 25 16.70 -18.22 -17.65
N ASP A 26 16.30 -19.36 -18.22
CA ASP A 26 15.19 -20.14 -17.68
C ASP A 26 15.63 -20.90 -16.44
N PHE A 27 14.86 -20.77 -15.37
CA PHE A 27 15.21 -21.40 -14.09
C PHE A 27 15.40 -22.91 -14.25
N PHE A 28 14.46 -23.57 -14.93
CA PHE A 28 14.55 -25.02 -15.07
C PHE A 28 15.64 -25.43 -16.05
N ALA A 29 15.88 -24.63 -17.09
CA ALA A 29 17.01 -24.88 -17.96
C ALA A 29 18.33 -24.70 -17.22
N LEU A 30 18.37 -23.73 -16.29
CA LEU A 30 19.55 -23.48 -15.46
C LEU A 30 19.88 -24.68 -14.56
N GLY A 31 19.01 -25.67 -14.50
CA GLY A 31 19.18 -26.80 -13.61
C GLY A 31 18.18 -26.88 -12.47
N GLY A 32 17.10 -26.09 -12.52
CA GLY A 32 16.14 -26.07 -11.45
C GLY A 32 14.98 -27.03 -11.67
N HIS A 33 14.28 -27.32 -10.58
CA HIS A 33 13.16 -28.24 -10.59
C HIS A 33 12.20 -27.85 -9.46
N SER A 34 11.27 -28.75 -9.14
CA SER A 34 10.23 -28.42 -8.16
C SER A 34 10.82 -28.23 -6.76
N LEU A 35 11.81 -29.06 -6.40
CA LEU A 35 12.40 -28.94 -5.06
C LEU A 35 13.08 -27.59 -4.89
N LEU A 36 13.98 -27.24 -5.82
CA LEU A 36 14.66 -25.95 -5.76
C LEU A 36 13.70 -24.79 -5.99
N SER A 37 12.55 -25.04 -6.63
CA SER A 37 11.57 -23.99 -6.80
C SER A 37 11.05 -23.49 -5.46
N LEU A 38 10.90 -24.39 -4.49
CA LEU A 38 10.46 -24.00 -3.15
C LEU A 38 11.48 -23.08 -2.49
N ARG A 39 12.77 -23.33 -2.70
CA ARG A 39 13.80 -22.50 -2.07
C ARG A 39 13.89 -21.13 -2.73
N VAL A 40 13.65 -21.05 -4.04
CA VAL A 40 13.62 -19.75 -4.71
C VAL A 40 12.45 -18.92 -4.20
N VAL A 41 11.27 -19.54 -4.10
CA VAL A 41 10.08 -18.84 -3.62
C VAL A 41 10.29 -18.38 -2.17
N ALA A 42 10.84 -19.25 -1.33
CA ALA A 42 11.07 -18.91 0.07
C ALA A 42 12.02 -17.72 0.19
N ARG A 43 13.11 -17.73 -0.59
CA ARG A 43 14.09 -16.64 -0.50
C ARG A 43 13.50 -15.33 -1.02
N LEU A 44 12.76 -15.38 -2.12
CA LEU A 44 12.16 -14.17 -2.67
C LEU A 44 11.12 -13.59 -1.72
N ARG A 45 10.38 -14.44 -1.01
CA ARG A 45 9.42 -13.95 -0.03
C ARG A 45 10.12 -13.23 1.11
N ALA A 46 11.20 -13.82 1.63
CA ALA A 46 11.92 -13.20 2.74
C ALA A 46 12.60 -11.90 2.30
N LEU A 47 13.08 -11.85 1.07
CA LEU A 47 13.78 -10.65 0.59
C LEU A 47 12.79 -9.58 0.14
N LEU A 48 11.91 -9.92 -0.80
CA LEU A 48 11.03 -8.92 -1.39
C LEU A 48 9.83 -8.58 -0.51
N GLY A 49 9.48 -9.45 0.43
CA GLY A 49 8.35 -9.17 1.31
C GLY A 49 7.00 -9.15 0.61
N VAL A 50 6.90 -9.74 -0.58
CA VAL A 50 5.63 -9.85 -1.28
C VAL A 50 5.26 -11.31 -1.39
N ASP A 51 3.96 -11.58 -1.47
CA ASP A 51 3.48 -12.95 -1.54
C ASP A 51 3.75 -13.53 -2.92
N VAL A 52 4.95 -14.07 -3.12
CA VAL A 52 5.29 -14.78 -4.34
C VAL A 52 5.11 -16.27 -4.07
N GLY A 53 4.76 -17.00 -5.12
CA GLY A 53 4.49 -18.42 -4.99
C GLY A 53 5.14 -19.21 -6.11
N VAL A 54 5.02 -20.54 -5.99
CA VAL A 54 5.49 -21.43 -7.04
C VAL A 54 4.82 -21.09 -8.37
N ARG A 55 3.57 -20.64 -8.31
CA ARG A 55 2.85 -20.27 -9.54
C ARG A 55 3.59 -19.19 -10.32
N ASP A 56 4.04 -18.15 -9.61
CA ASP A 56 4.75 -17.06 -10.28
C ASP A 56 6.03 -17.55 -10.94
N LEU A 57 6.77 -18.43 -10.27
CA LEU A 57 7.99 -18.97 -10.86
C LEU A 57 7.68 -19.85 -12.08
N PHE A 58 6.61 -20.64 -12.00
CA PHE A 58 6.28 -21.54 -13.10
C PHE A 58 5.87 -20.75 -14.34
N GLU A 59 5.00 -19.76 -14.19
CA GLU A 59 4.57 -18.97 -15.34
C GLU A 59 5.67 -18.05 -15.84
N ALA A 60 6.57 -17.61 -14.95
CA ALA A 60 7.64 -16.67 -15.29
C ALA A 60 8.96 -17.27 -14.83
N PRO A 61 9.52 -18.21 -15.61
CA PRO A 61 10.72 -18.92 -15.15
C PRO A 61 12.03 -18.16 -15.35
N THR A 62 12.00 -16.96 -15.90
CA THR A 62 13.25 -16.21 -16.03
C THR A 62 13.23 -14.98 -15.13
N PRO A 63 14.39 -14.49 -14.70
CA PRO A 63 14.41 -13.30 -13.83
C PRO A 63 13.67 -12.12 -14.41
N ALA A 64 13.81 -11.86 -15.72
CA ALA A 64 13.10 -10.74 -16.33
C ALA A 64 11.60 -10.96 -16.28
N ALA A 65 11.14 -12.16 -16.62
CA ALA A 65 9.71 -12.45 -16.57
C ALA A 65 9.19 -12.42 -15.15
N LEU A 66 9.93 -13.02 -14.21
CA LEU A 66 9.49 -13.05 -12.82
C LEU A 66 9.47 -11.66 -12.21
N ALA A 67 10.49 -10.84 -12.51
CA ALA A 67 10.51 -9.46 -12.03
C ALA A 67 9.33 -8.68 -12.60
N ALA A 68 9.10 -8.80 -13.91
CA ALA A 68 7.95 -8.14 -14.52
C ALA A 68 6.65 -8.66 -13.93
N ARG A 69 6.61 -9.94 -13.56
CA ARG A 69 5.41 -10.50 -12.95
C ARG A 69 5.08 -9.82 -11.63
N LEU A 70 6.12 -9.45 -10.86
CA LEU A 70 5.90 -8.81 -9.57
C LEU A 70 5.58 -7.32 -9.70
N THR A 71 5.98 -6.68 -10.79
CA THR A 71 5.72 -5.25 -10.98
C THR A 71 4.23 -5.00 -11.17
N ARG A 77 -1.33 -4.18 -15.02
CA ARG A 77 -0.89 -3.25 -16.07
C ARG A 77 -0.89 -3.96 -17.42
N PRO A 78 -1.63 -3.40 -18.37
CA PRO A 78 -1.78 -4.08 -19.67
C PRO A 78 -0.47 -4.15 -20.43
N ALA A 79 -0.32 -5.21 -21.21
CA ALA A 79 0.85 -5.36 -22.06
C ALA A 79 0.84 -4.29 -23.16
N VAL A 80 2.04 -3.87 -23.56
CA VAL A 80 2.16 -2.92 -24.66
C VAL A 80 1.69 -3.58 -25.95
N THR A 81 0.79 -2.92 -26.66
CA THR A 81 0.26 -3.42 -27.92
C THR A 81 0.61 -2.45 -29.04
N ARG A 82 1.00 -3.01 -30.19
CA ARG A 82 1.31 -2.19 -31.36
C ARG A 82 0.04 -1.53 -31.87
N ARG A 83 0.11 -0.21 -32.11
CA ARG A 83 -1.07 0.59 -32.39
C ARG A 83 -1.42 0.70 -33.87
N GLY A 84 -0.70 0.03 -34.75
CA GLY A 84 -1.02 0.09 -36.16
C GLY A 84 -0.30 1.23 -36.86
N PRO A 85 -0.14 1.10 -38.18
CA PRO A 85 0.75 2.02 -38.90
C PRO A 85 0.25 3.46 -39.00
N ASP A 86 -1.06 3.69 -38.88
CA ASP A 86 -1.60 5.03 -39.04
C ASP A 86 -1.72 5.79 -37.72
N ALA A 87 -1.24 5.23 -36.62
CA ALA A 87 -1.42 5.86 -35.32
C ALA A 87 -0.47 7.05 -35.18
N PRO A 88 -0.93 8.16 -34.62
CA PRO A 88 -0.04 9.32 -34.44
C PRO A 88 0.96 9.06 -33.33
N PRO A 89 2.06 9.80 -33.30
CA PRO A 89 3.03 9.64 -32.21
C PRO A 89 2.46 10.13 -30.89
N VAL A 90 2.98 9.57 -29.79
CA VAL A 90 2.56 9.93 -28.44
C VAL A 90 3.81 10.15 -27.60
N LEU A 91 3.93 11.32 -27.00
CA LEU A 91 5.02 11.58 -26.06
C LEU A 91 4.64 11.02 -24.69
N SER A 92 5.53 10.20 -24.13
CA SER A 92 5.28 9.67 -22.81
C SER A 92 5.37 10.77 -21.77
N HIS A 93 4.80 10.50 -20.58
CA HIS A 93 4.93 11.45 -19.48
C HIS A 93 6.39 11.66 -19.11
N PHE A 94 7.22 10.64 -19.26
CA PHE A 94 8.64 10.78 -18.93
C PHE A 94 9.34 11.71 -19.92
N GLN A 95 8.99 11.60 -21.20
CA GLN A 95 9.54 12.53 -22.19
C GLN A 95 9.09 13.96 -21.90
N ARG A 96 7.81 14.13 -21.55
CA ARG A 96 7.31 15.45 -21.21
C ARG A 96 8.09 16.05 -20.04
N GLY A 97 8.45 15.22 -19.06
CA GLY A 97 9.28 15.70 -17.97
C GLY A 97 10.63 16.19 -18.43
N LEU A 98 11.29 15.43 -19.31
CA LEU A 98 12.58 15.85 -19.85
C LEU A 98 12.44 17.15 -20.63
N TRP A 99 11.35 17.30 -21.38
CA TRP A 99 11.14 18.54 -22.11
C TRP A 99 10.95 19.71 -21.15
N LEU A 100 10.25 19.48 -20.04
CA LEU A 100 10.00 20.56 -19.08
C LEU A 100 11.29 21.03 -18.43
N ILE A 101 12.12 20.10 -17.93
CA ILE A 101 13.34 20.50 -17.23
C ILE A 101 14.25 21.28 -18.15
N GLU A 102 14.27 20.93 -19.44
CA GLU A 102 15.12 21.65 -20.38
C GLU A 102 14.59 23.04 -20.66
N GLN A 103 13.27 23.19 -20.76
CA GLN A 103 12.70 24.51 -21.03
C GLN A 103 12.64 25.37 -19.78
N VAL A 104 12.25 24.77 -18.65
CA VAL A 104 12.03 25.55 -17.43
C VAL A 104 13.35 25.91 -16.77
N TYR A 105 14.30 24.98 -16.72
CA TYR A 105 15.57 25.19 -16.03
C TYR A 105 16.72 25.50 -16.97
N GLN A 106 16.50 25.46 -18.29
CA GLN A 106 17.49 25.81 -19.30
C GLN A 106 18.79 25.02 -19.08
N THR A 107 18.67 23.70 -19.16
CA THR A 107 19.78 22.80 -18.92
C THR A 107 20.69 22.64 -20.14
N ARG A 108 20.48 23.43 -21.19
CA ARG A 108 21.16 23.34 -22.48
C ARG A 108 21.47 21.89 -22.87
N GLY A 109 22.76 21.52 -22.92
CA GLY A 109 23.17 20.20 -23.33
C GLY A 109 23.38 19.19 -22.22
N ALA A 110 22.99 19.50 -20.98
CA ALA A 110 23.32 18.63 -19.85
C ALA A 110 22.67 17.26 -19.97
N TYR A 111 21.52 17.16 -20.61
CA TYR A 111 20.79 15.91 -20.68
C TYR A 111 21.12 15.08 -21.91
N ASN A 112 22.00 15.56 -22.78
CA ASN A 112 22.41 14.74 -23.92
C ASN A 112 23.12 13.48 -23.43
N VAL A 113 22.80 12.36 -24.05
CA VAL A 113 23.34 11.06 -23.66
C VAL A 113 24.43 10.67 -24.65
N PRO A 114 25.66 10.47 -24.21
CA PRO A 114 26.72 10.04 -25.12
C PRO A 114 26.91 8.54 -25.12
N LEU A 115 27.33 8.02 -26.28
CA LEU A 115 27.72 6.63 -26.43
C LEU A 115 28.89 6.60 -27.39
N ALA A 116 30.10 6.40 -26.86
CA ALA A 116 31.32 6.51 -27.64
C ALA A 116 32.01 5.15 -27.68
N VAL A 117 32.39 4.73 -28.89
CA VAL A 117 33.02 3.43 -29.13
C VAL A 117 34.29 3.67 -29.93
N HIS A 118 35.42 3.23 -29.41
CA HIS A 118 36.64 3.23 -30.20
C HIS A 118 36.60 2.07 -31.18
N VAL A 119 36.92 2.36 -32.44
CA VAL A 119 36.92 1.37 -33.50
C VAL A 119 38.33 1.30 -34.09
N SER A 120 38.88 0.08 -34.18
CA SER A 120 40.25 -0.08 -34.66
C SER A 120 40.40 0.28 -36.12
N ASP A 121 39.31 0.28 -36.89
CA ASP A 121 39.30 0.77 -38.26
C ASP A 121 38.57 2.09 -38.32
N ARG A 122 38.98 2.94 -39.25
CA ARG A 122 38.19 4.11 -39.59
C ARG A 122 36.98 3.64 -40.41
N LEU A 123 35.78 3.96 -39.92
CA LEU A 123 34.59 3.50 -40.60
C LEU A 123 34.37 4.27 -41.89
N ASP A 124 33.65 3.64 -42.82
CA ASP A 124 33.27 4.31 -44.06
C ASP A 124 32.11 5.26 -43.77
N LEU A 125 32.33 6.56 -44.02
CA LEU A 125 31.34 7.56 -43.64
C LEU A 125 30.03 7.39 -44.41
N ASP A 126 30.12 6.99 -45.68
CA ASP A 126 28.91 6.80 -46.48
C ASP A 126 28.13 5.58 -46.02
N VAL A 127 28.83 4.50 -45.66
CA VAL A 127 28.14 3.33 -45.12
C VAL A 127 27.56 3.65 -43.75
N LEU A 128 28.31 4.38 -42.92
CA LEU A 128 27.81 4.76 -41.61
C LEU A 128 26.54 5.61 -41.72
N ARG A 129 26.54 6.56 -42.66
CA ARG A 129 25.35 7.40 -42.85
C ARG A 129 24.15 6.57 -43.28
N ALA A 130 24.36 5.62 -44.20
CA ALA A 130 23.28 4.73 -44.60
C ALA A 130 22.79 3.90 -43.43
N ALA A 131 23.71 3.38 -42.61
CA ALA A 131 23.32 2.58 -41.46
C ALA A 131 22.56 3.41 -40.44
N VAL A 132 22.95 4.67 -40.25
CA VAL A 132 22.23 5.54 -39.32
C VAL A 132 20.82 5.79 -39.83
N ARG A 133 20.66 5.91 -41.15
N ARG A 133 20.65 5.90 -41.14
CA ARG A 133 19.32 6.06 -41.71
CA ARG A 133 19.31 6.07 -41.71
C ARG A 133 18.47 4.83 -41.45
C ARG A 133 18.45 4.83 -41.49
N ASP A 134 19.07 3.64 -41.54
CA ASP A 134 18.34 2.42 -41.22
C ASP A 134 17.96 2.40 -39.74
N LEU A 135 18.90 2.77 -38.87
CA LEU A 135 18.62 2.82 -37.44
C LEU A 135 17.47 3.77 -37.15
N VAL A 136 17.47 4.94 -37.78
CA VAL A 136 16.43 5.93 -37.56
C VAL A 136 15.10 5.45 -38.13
N ALA A 137 15.13 4.80 -39.30
CA ALA A 137 13.90 4.25 -39.86
C ALA A 137 13.30 3.17 -38.97
N ARG A 138 14.15 2.38 -38.30
CA ARG A 138 13.68 1.30 -37.45
C ARG A 138 13.05 1.83 -36.18
N HIS A 139 13.68 2.80 -35.53
CA HIS A 139 13.25 3.32 -34.23
C HIS A 139 12.60 4.69 -34.44
N GLU A 140 11.27 4.71 -34.38
CA GLU A 140 10.53 5.95 -34.61
C GLU A 140 10.90 7.05 -33.63
N VAL A 141 11.27 6.69 -32.40
CA VAL A 141 11.64 7.69 -31.40
C VAL A 141 12.86 8.49 -31.84
N LEU A 142 13.69 7.94 -32.74
CA LEU A 142 14.89 8.62 -33.19
C LEU A 142 14.63 9.62 -34.31
N ARG A 143 13.43 9.62 -34.89
CA ARG A 143 13.03 10.61 -35.88
C ARG A 143 11.76 11.33 -35.47
N THR A 144 11.52 11.43 -34.17
CA THR A 144 10.35 12.12 -33.63
C THR A 144 10.78 13.48 -33.12
N LEU A 145 10.35 14.54 -33.80
CA LEU A 145 10.61 15.88 -33.35
C LEU A 145 9.67 16.27 -32.22
N VAL A 146 10.08 17.25 -31.43
CA VAL A 146 9.25 17.80 -30.36
C VAL A 146 9.16 19.30 -30.57
N ARG A 147 7.93 19.80 -30.70
CA ARG A 147 7.68 21.21 -30.94
C ARG A 147 6.79 21.77 -29.84
N SER A 148 7.01 23.04 -29.50
CA SER A 148 6.26 23.67 -28.44
C SER A 148 4.85 24.05 -28.91
N SER A 149 3.97 24.21 -27.93
CA SER A 149 2.60 24.65 -28.17
C SER A 149 2.10 25.34 -26.91
N ASP A 150 0.83 25.75 -26.92
CA ASP A 150 0.22 26.28 -25.71
C ASP A 150 -0.07 25.17 -24.70
N ASP A 151 -0.43 23.98 -25.18
CA ASP A 151 -0.72 22.84 -24.31
C ASP A 151 0.54 22.17 -23.80
N GLY A 152 1.69 22.46 -24.41
CA GLY A 152 2.93 21.79 -24.07
C GLY A 152 3.64 21.24 -25.29
N PRO A 153 4.47 20.22 -25.10
CA PRO A 153 5.19 19.65 -26.24
C PRO A 153 4.29 18.80 -27.11
N ASP A 154 4.58 18.80 -28.41
CA ASP A 154 3.81 18.05 -29.40
C ASP A 154 4.78 17.22 -30.23
N PRO A 155 4.58 15.91 -30.32
CA PRO A 155 5.47 15.09 -31.13
C PRO A 155 5.16 15.23 -32.61
N VAL A 156 6.22 15.16 -33.42
CA VAL A 156 6.10 15.22 -34.88
C VAL A 156 6.97 14.09 -35.42
N LEU A 157 6.35 13.02 -35.87
CA LEU A 157 7.07 11.87 -36.40
C LEU A 157 7.42 12.12 -37.86
N LEU A 158 8.72 12.25 -38.14
CA LEU A 158 9.18 12.38 -39.51
C LEU A 158 9.17 11.03 -40.19
N ALA A 159 8.69 11.01 -41.44
CA ALA A 159 8.83 9.81 -42.25
C ALA A 159 10.31 9.52 -42.47
N PRO A 160 10.68 8.25 -42.69
CA PRO A 160 12.10 7.93 -42.89
C PRO A 160 12.78 8.73 -44.00
N GLU A 161 12.07 9.00 -45.09
CA GLU A 161 12.63 9.79 -46.18
C GLU A 161 12.73 11.27 -45.86
N ASP A 162 12.03 11.74 -44.83
CA ASP A 162 12.07 13.15 -44.44
C ASP A 162 12.99 13.43 -43.27
N ALA A 163 13.49 12.39 -42.59
CA ALA A 163 14.37 12.57 -41.43
C ALA A 163 15.80 12.68 -41.95
N ALA A 164 16.31 13.91 -41.96
CA ALA A 164 17.71 14.16 -42.34
C ALA A 164 18.60 13.78 -41.16
N VAL A 165 19.36 12.70 -41.32
CA VAL A 165 20.28 12.26 -40.27
C VAL A 165 21.49 13.19 -40.24
N ASP A 166 22.08 13.31 -39.07
CA ASP A 166 23.24 14.17 -38.85
C ASP A 166 24.44 13.27 -38.56
N VAL A 167 25.21 12.99 -39.62
CA VAL A 167 26.40 12.13 -39.54
C VAL A 167 27.57 12.89 -40.13
N ALA A 168 28.65 13.01 -39.36
CA ALA A 168 29.79 13.80 -39.80
C ALA A 168 31.07 13.25 -39.19
N GLU A 169 32.15 13.35 -39.94
CA GLU A 169 33.48 13.04 -39.44
C GLU A 169 34.11 14.31 -38.88
N VAL A 170 34.80 14.18 -37.75
CA VAL A 170 35.45 15.29 -37.09
C VAL A 170 36.92 14.93 -36.87
N GLN A 171 37.82 15.81 -37.33
CA GLN A 171 39.24 15.61 -37.09
C GLN A 171 39.61 16.17 -35.73
N ALA A 172 40.23 15.33 -34.90
CA ALA A 172 40.56 15.72 -33.54
C ALA A 172 41.87 16.51 -33.52
N ALA A 173 41.82 17.71 -32.95
CA ALA A 173 43.03 18.53 -32.77
C ALA A 173 43.68 18.19 -31.44
N GLY A 174 43.07 18.64 -30.34
CA GLY A 174 43.55 18.34 -29.01
C GLY A 174 43.17 16.95 -28.56
N PRO A 175 43.13 16.73 -27.25
CA PRO A 175 42.79 15.40 -26.73
C PRO A 175 41.37 14.99 -27.13
N VAL A 176 41.21 13.70 -27.41
CA VAL A 176 39.95 13.19 -27.92
C VAL A 176 38.86 13.22 -26.86
N ALA A 177 39.23 12.97 -25.60
CA ALA A 177 38.23 12.94 -24.53
C ALA A 177 37.51 14.28 -24.40
N ASP A 178 38.25 15.39 -24.48
CA ASP A 178 37.60 16.70 -24.40
C ASP A 178 36.73 16.96 -25.63
N LEU A 179 37.15 16.49 -26.80
CA LEU A 179 36.31 16.63 -27.99
C LEU A 179 35.01 15.86 -27.84
N LEU A 180 35.08 14.63 -27.30
CA LEU A 180 33.86 13.86 -27.04
C LEU A 180 32.91 14.62 -26.13
N ALA A 181 33.45 15.27 -25.10
CA ALA A 181 32.62 16.03 -24.17
C ALA A 181 31.99 17.24 -24.85
N GLU A 182 32.76 17.95 -25.68
CA GLU A 182 32.21 19.11 -26.37
C GLU A 182 31.11 18.69 -27.34
N LEU A 183 31.34 17.64 -28.13
CA LEU A 183 30.32 17.17 -29.06
C LEU A 183 29.07 16.72 -28.33
N THR A 184 29.24 16.09 -27.16
CA THR A 184 28.09 15.66 -26.37
C THR A 184 27.29 16.86 -25.85
N ALA A 185 27.99 17.92 -25.42
CA ALA A 185 27.31 19.05 -24.82
C ALA A 185 26.55 19.90 -25.83
N GLN A 186 26.82 19.75 -27.11
CA GLN A 186 26.15 20.56 -28.14
C GLN A 186 24.64 20.37 -28.07
N PRO A 187 23.88 21.44 -27.89
CA PRO A 187 22.43 21.27 -27.68
C PRO A 187 21.71 20.90 -28.96
N PHE A 188 20.60 20.19 -28.80
CA PHE A 188 19.70 19.87 -29.89
C PHE A 188 18.60 20.92 -29.98
N ASP A 189 18.07 21.11 -31.17
CA ASP A 189 16.83 21.84 -31.38
C ASP A 189 15.82 20.81 -31.89
N LEU A 190 15.08 20.22 -30.95
CA LEU A 190 14.17 19.13 -31.29
C LEU A 190 12.99 19.56 -32.14
N ALA A 191 12.81 20.86 -32.37
CA ALA A 191 11.77 21.31 -33.28
C ALA A 191 12.16 21.08 -34.74
N THR A 192 13.46 21.06 -35.03
CA THR A 192 13.95 20.94 -36.39
C THR A 192 14.98 19.84 -36.61
N GLN A 193 15.56 19.29 -35.56
CA GLN A 193 16.59 18.27 -35.67
C GLN A 193 16.15 17.00 -34.96
N ILE A 194 16.45 15.85 -35.56
CA ILE A 194 16.13 14.56 -34.94
C ILE A 194 17.01 14.42 -33.70
N PRO A 195 16.55 13.71 -32.68
CA PRO A 195 17.31 13.65 -31.42
C PRO A 195 18.54 12.77 -31.45
N LEU A 196 19.19 12.65 -32.61
CA LEU A 196 20.37 11.82 -32.74
C LEU A 196 21.43 12.54 -33.56
N ARG A 197 22.64 12.61 -33.01
CA ARG A 197 23.81 13.07 -33.73
C ARG A 197 24.87 11.98 -33.71
N VAL A 198 25.49 11.74 -34.86
CA VAL A 198 26.52 10.71 -35.00
C VAL A 198 27.79 11.39 -35.50
N ARG A 199 28.90 11.14 -34.79
CA ARG A 199 30.18 11.72 -35.13
C ARG A 199 31.24 10.63 -35.16
N MET A 200 32.09 10.68 -36.18
CA MET A 200 33.24 9.79 -36.30
C MET A 200 34.49 10.65 -36.10
N ILE A 201 35.20 10.42 -35.00
CA ILE A 201 36.36 11.23 -34.65
C ILE A 201 37.61 10.53 -35.16
N THR A 202 38.36 11.21 -36.02
CA THR A 202 39.62 10.71 -36.55
C THR A 202 40.72 11.73 -36.28
N GLY A 203 41.95 11.32 -36.50
CA GLY A 203 43.08 12.20 -36.28
C GLY A 203 44.37 11.41 -36.22
N GLU A 204 45.47 12.15 -36.26
CA GLU A 204 46.79 11.52 -36.22
C GLU A 204 47.01 10.77 -34.91
N GLN A 205 46.48 11.31 -33.81
CA GLN A 205 46.56 10.65 -32.52
C GLN A 205 45.55 9.52 -32.36
N VAL A 206 44.58 9.42 -33.26
CA VAL A 206 43.52 8.43 -33.16
C VAL A 206 43.87 7.24 -34.04
N ASP A 207 43.94 6.05 -33.44
CA ASP A 207 44.17 4.81 -34.18
C ASP A 207 42.82 4.24 -34.59
N GLY A 208 42.50 4.34 -35.87
CA GLY A 208 41.18 3.99 -36.35
C GLY A 208 40.21 5.18 -36.27
N CYS A 209 39.20 5.06 -35.41
CA CYS A 209 38.26 6.16 -35.19
C CYS A 209 37.52 5.91 -33.89
N VAL A 210 36.93 6.98 -33.37
CA VAL A 210 36.00 6.90 -32.25
C VAL A 210 34.62 7.26 -32.78
N LEU A 211 33.68 6.33 -32.65
CA LEU A 211 32.30 6.56 -33.05
C LEU A 211 31.52 7.08 -31.85
N LEU A 212 30.99 8.29 -31.98
CA LEU A 212 30.23 8.92 -30.91
C LEU A 212 28.78 9.06 -31.33
N LEU A 213 27.89 8.43 -30.58
CA LEU A 213 26.46 8.62 -30.72
C LEU A 213 26.00 9.57 -29.61
N VAL A 214 25.41 10.69 -30.00
CA VAL A 214 24.80 11.61 -29.05
C VAL A 214 23.29 11.59 -29.30
N CYS A 215 22.55 11.16 -28.29
CA CYS A 215 21.10 11.22 -28.30
C CYS A 215 20.62 12.31 -27.37
N HIS A 216 19.63 13.07 -27.80
CA HIS A 216 18.86 13.83 -26.83
C HIS A 216 18.15 12.85 -25.92
N HIS A 217 18.18 13.10 -24.64
CA HIS A 217 17.58 12.23 -23.67
C HIS A 217 16.15 11.84 -23.91
N ILE A 218 15.39 12.68 -24.59
CA ILE A 218 14.00 12.38 -24.87
C ILE A 218 13.84 11.11 -25.69
N ALA A 219 14.92 10.64 -26.32
CA ALA A 219 14.84 9.54 -27.26
C ALA A 219 15.64 8.31 -26.84
N ALA A 220 16.39 8.37 -25.74
CA ALA A 220 17.21 7.24 -25.34
C ALA A 220 17.59 7.39 -23.88
N ASP A 221 17.81 6.26 -23.23
CA ASP A 221 18.44 6.20 -21.91
C ASP A 221 19.66 5.29 -21.99
N GLU A 222 20.34 5.13 -20.86
CA GLU A 222 21.55 4.31 -20.85
C GLU A 222 21.24 2.85 -21.15
N TRP A 223 20.00 2.41 -20.90
N TRP A 223 20.02 2.39 -20.88
CA TRP A 223 19.58 1.07 -21.21
CA TRP A 223 19.65 1.03 -21.23
C TRP A 223 19.40 0.85 -22.71
C TRP A 223 19.46 0.83 -22.73
N SER A 224 19.49 1.91 -23.51
CA SER A 224 19.38 1.82 -24.96
C SER A 224 20.73 1.59 -25.63
N PHE A 225 21.83 1.64 -24.88
CA PHE A 225 23.15 1.47 -25.48
C PHE A 225 23.26 0.14 -26.22
N ALA A 226 22.78 -0.95 -25.59
CA ALA A 226 22.90 -2.26 -26.22
C ALA A 226 22.10 -2.36 -27.52
N PRO A 227 20.80 -1.99 -27.56
CA PRO A 227 20.11 -2.07 -28.85
C PRO A 227 20.62 -1.06 -29.87
N LEU A 228 21.14 0.09 -29.43
CA LEU A 228 21.71 1.04 -30.39
C LEU A 228 22.91 0.44 -31.10
N LEU A 229 23.89 -0.05 -30.35
CA LEU A 229 25.07 -0.65 -30.96
C LEU A 229 24.70 -1.92 -31.72
N ARG A 230 23.79 -2.72 -31.17
CA ARG A 230 23.34 -3.93 -31.84
C ARG A 230 22.79 -3.61 -33.23
N ASP A 231 21.81 -2.71 -33.29
CA ASP A 231 21.15 -2.41 -34.55
C ASP A 231 22.06 -1.64 -35.49
N LEU A 232 22.86 -0.72 -34.96
CA LEU A 232 23.77 0.04 -35.82
C LEU A 232 24.81 -0.89 -36.44
N ASP A 233 25.30 -1.87 -35.66
CA ASP A 233 26.23 -2.84 -36.21
C ASP A 233 25.58 -3.69 -37.29
N THR A 234 24.33 -4.11 -37.06
CA THR A 234 23.61 -4.88 -38.08
C THR A 234 23.45 -4.07 -39.37
N ALA A 235 23.03 -2.81 -39.25
CA ALA A 235 22.82 -1.98 -40.43
C ALA A 235 24.13 -1.66 -41.13
N TYR A 236 25.20 -1.38 -40.35
CA TYR A 236 26.49 -1.08 -40.96
C TYR A 236 27.01 -2.27 -41.76
N ARG A 237 26.91 -3.47 -41.19
CA ARG A 237 27.40 -4.66 -41.89
C ARG A 237 26.57 -4.91 -43.15
N ALA A 238 25.25 -4.74 -43.06
CA ALA A 238 24.41 -4.95 -44.24
C ALA A 238 24.69 -3.89 -45.31
N ARG A 239 24.85 -2.64 -44.91
CA ARG A 239 25.09 -1.58 -45.89
C ARG A 239 26.49 -1.70 -46.50
N ALA A 240 27.46 -2.20 -45.73
CA ALA A 240 28.78 -2.44 -46.30
C ALA A 240 28.73 -3.50 -47.39
N ALA A 241 27.76 -4.43 -47.29
CA ALA A 241 27.51 -5.40 -48.34
C ALA A 241 26.51 -4.90 -49.37
N GLY A 242 26.10 -3.63 -49.28
CA GLY A 242 25.22 -3.05 -50.27
C GLY A 242 23.76 -3.46 -50.16
N ARG A 243 23.32 -3.93 -48.99
CA ARG A 243 21.95 -4.37 -48.82
C ARG A 243 21.34 -3.69 -47.58
N ALA A 244 20.03 -3.68 -47.54
CA ALA A 244 19.32 -3.21 -46.37
C ALA A 244 19.38 -4.27 -45.28
N PRO A 245 19.39 -3.87 -44.01
CA PRO A 245 19.46 -4.86 -42.92
C PRO A 245 18.23 -5.75 -42.90
N ASP A 246 18.47 -7.05 -42.72
CA ASP A 246 17.40 -8.05 -42.68
C ASP A 246 17.01 -8.26 -41.22
N TRP A 247 16.04 -7.47 -40.76
CA TRP A 247 15.56 -7.60 -39.40
C TRP A 247 14.03 -7.49 -39.38
N GLU A 248 13.44 -8.14 -38.39
CA GLU A 248 12.00 -8.06 -38.21
C GLU A 248 11.62 -6.69 -37.64
N PRO A 249 10.38 -6.25 -37.86
CA PRO A 249 9.93 -5.00 -37.24
C PRO A 249 9.97 -5.10 -35.73
N LEU A 250 10.06 -3.94 -35.09
CA LEU A 250 10.06 -3.89 -33.63
C LEU A 250 8.71 -4.40 -33.12
N PRO A 251 8.70 -5.20 -32.05
CA PRO A 251 7.42 -5.61 -31.46
C PRO A 251 6.60 -4.43 -30.95
N ALA A 252 7.24 -3.29 -30.70
CA ALA A 252 6.53 -2.09 -30.29
C ALA A 252 7.43 -0.88 -30.52
N GLN A 253 6.82 0.21 -30.99
CA GLN A 253 7.49 1.49 -31.05
C GLN A 253 7.31 2.21 -29.72
N TYR A 254 8.11 3.26 -29.49
CA TYR A 254 8.02 3.97 -28.22
C TYR A 254 6.65 4.59 -28.03
N SER A 255 6.04 5.10 -29.11
CA SER A 255 4.69 5.65 -29.02
C SER A 255 3.69 4.60 -28.54
N ASP A 256 3.88 3.33 -28.91
CA ASP A 256 3.04 2.28 -28.38
C ASP A 256 3.19 2.18 -26.87
N TYR A 257 4.44 2.17 -26.38
CA TYR A 257 4.66 2.13 -24.95
C TYR A 257 4.05 3.35 -24.26
N ALA A 258 4.19 4.53 -24.87
CA ALA A 258 3.67 5.74 -24.26
C ALA A 258 2.15 5.71 -24.15
N ALA A 259 1.48 5.28 -25.22
CA ALA A 259 0.02 5.22 -25.19
C ALA A 259 -0.47 4.23 -24.14
N THR A 260 0.18 3.06 -24.04
CA THR A 260 -0.21 2.08 -23.03
C THR A 260 0.01 2.62 -21.63
N LEU A 261 1.12 3.32 -21.40
CA LEU A 261 1.39 3.88 -20.09
C LEU A 261 0.38 4.97 -19.74
N HIS A 262 0.04 5.82 -20.70
CA HIS A 262 -0.93 6.88 -20.47
C HIS A 262 -2.29 6.30 -20.07
N ASP A 263 -2.76 5.31 -20.83
CA ASP A 263 -4.08 4.75 -20.58
C ASP A 263 -4.15 4.04 -19.24
N TRP A 264 -3.06 3.36 -18.84
CA TRP A 264 -3.08 2.67 -17.56
C TRP A 264 -2.94 3.65 -16.39
N LEU A 265 -2.14 4.71 -16.57
CA LEU A 265 -1.96 5.68 -15.48
C LEU A 265 -3.27 6.37 -15.14
N GLY A 266 -4.03 6.78 -16.15
CA GLY A 266 -5.28 7.46 -15.91
C GLY A 266 -5.09 8.91 -15.49
N GLU A 267 -6.20 9.51 -15.05
CA GLU A 267 -6.23 10.91 -14.68
C GLU A 267 -5.98 11.07 -13.20
N ALA A 268 -5.27 12.15 -12.83
CA ALA A 268 -4.97 12.42 -11.43
C ALA A 268 -6.22 12.71 -10.61
N THR A 269 -7.30 13.14 -11.25
CA THR A 269 -8.57 13.39 -10.56
C THR A 269 -9.36 12.10 -10.33
N ASP A 270 -8.87 10.96 -10.78
CA ASP A 270 -9.57 9.69 -10.62
C ASP A 270 -9.04 9.00 -9.37
N PRO A 271 -9.82 8.91 -8.29
CA PRO A 271 -9.28 8.33 -7.04
C PRO A 271 -8.85 6.88 -7.18
N ALA A 272 -9.33 6.15 -8.18
CA ALA A 272 -8.92 4.77 -8.37
C ALA A 272 -7.80 4.60 -9.39
N SER A 273 -7.41 5.67 -10.09
CA SER A 273 -6.37 5.56 -11.09
C SER A 273 -5.02 5.31 -10.43
N PRO A 274 -4.15 4.53 -11.07
CA PRO A 274 -2.79 4.33 -10.52
C PRO A 274 -2.05 5.64 -10.31
N LEU A 275 -2.29 6.64 -11.16
CA LEU A 275 -1.59 7.91 -11.04
C LEU A 275 -1.90 8.58 -9.71
N ARG A 276 -3.17 8.80 -9.41
CA ARG A 276 -3.56 9.47 -8.17
C ARG A 276 -3.14 8.65 -6.96
N ARG A 277 -3.32 7.34 -7.01
CA ARG A 277 -2.94 6.51 -5.87
C ARG A 277 -1.44 6.56 -5.62
N GLN A 278 -0.63 6.51 -6.68
CA GLN A 278 0.81 6.64 -6.49
C GLN A 278 1.20 8.05 -6.10
N LEU A 279 0.49 9.06 -6.63
CA LEU A 279 0.75 10.43 -6.21
C LEU A 279 0.40 10.64 -4.73
N ASP A 280 -0.66 9.98 -4.26
CA ASP A 280 -1.02 10.09 -2.85
C ASP A 280 0.06 9.48 -1.96
N TYR A 281 0.64 8.36 -2.39
CA TYR A 281 1.74 7.77 -1.63
C TYR A 281 2.91 8.74 -1.54
N TRP A 282 3.31 9.34 -2.65
CA TRP A 282 4.47 10.22 -2.66
C TRP A 282 4.21 11.50 -1.90
N GLN A 283 2.96 11.98 -1.88
CA GLN A 283 2.63 13.15 -1.08
C GLN A 283 2.85 12.89 0.40
N HIS A 284 2.52 11.68 0.86
CA HIS A 284 2.76 11.32 2.25
C HIS A 284 4.23 10.99 2.48
N ALA A 285 4.85 10.25 1.56
CA ALA A 285 6.23 9.81 1.75
C ALA A 285 7.21 10.98 1.74
N LEU A 286 6.89 12.06 1.03
CA LEU A 286 7.77 13.21 0.94
C LEU A 286 7.29 14.38 1.79
N GLN A 287 6.51 14.11 2.83
CA GLN A 287 6.09 15.15 3.75
C GLN A 287 7.30 15.74 4.49
N ASP A 288 7.29 17.06 4.66
CA ASP A 288 8.32 17.77 5.41
C ASP A 288 9.71 17.45 4.89
N LEU A 289 9.82 17.34 3.57
CA LEU A 289 11.11 17.07 2.95
C LEU A 289 12.02 18.30 3.09
N PRO A 290 13.31 18.11 3.28
CA PRO A 290 14.23 19.25 3.26
C PRO A 290 14.26 19.88 1.87
N ASP A 291 14.34 21.22 1.84
CA ASP A 291 14.50 21.91 0.57
C ASP A 291 15.79 21.49 -0.11
N GLU A 292 16.84 21.26 0.67
CA GLU A 292 18.16 20.90 0.19
C GLU A 292 18.97 20.43 1.40
N LEU A 293 20.06 19.74 1.13
CA LEU A 293 20.90 19.19 2.18
C LEU A 293 22.09 20.13 2.45
N ASP A 294 22.52 20.13 3.71
CA ASP A 294 23.66 20.94 4.14
C ASP A 294 24.94 20.20 3.75
N LEU A 295 25.31 20.35 2.47
CA LEU A 295 26.50 19.76 1.88
C LEU A 295 27.65 20.78 1.92
N PRO A 296 28.90 20.32 1.81
CA PRO A 296 30.03 21.23 1.90
C PRO A 296 30.48 21.72 0.53
N THR A 297 29.90 22.82 0.06
CA THR A 297 30.23 23.35 -1.26
C THR A 297 31.42 24.30 -1.15
N ASP A 298 32.05 24.54 -2.29
CA ASP A 298 33.12 25.53 -2.39
C ASP A 298 32.58 26.92 -2.68
N ARG A 299 31.42 27.01 -3.32
CA ARG A 299 30.79 28.27 -3.69
C ARG A 299 29.31 28.18 -3.36
N PRO A 300 28.66 29.32 -3.09
CA PRO A 300 27.22 29.28 -2.84
C PRO A 300 26.46 28.95 -4.11
N ARG A 301 25.23 28.49 -3.91
CA ARG A 301 24.33 28.22 -5.02
C ARG A 301 24.06 29.53 -5.76
N PRO A 302 24.43 29.64 -7.04
CA PRO A 302 24.27 30.90 -7.76
C PRO A 302 22.80 31.19 -8.04
N ALA A 303 22.53 32.42 -8.48
CA ALA A 303 21.16 32.82 -8.79
C ALA A 303 20.60 32.01 -9.96
N THR A 304 21.41 31.80 -11.00
CA THR A 304 21.02 30.98 -12.12
C THR A 304 22.05 29.87 -12.32
N ALA A 305 21.57 28.70 -12.72
CA ALA A 305 22.44 27.54 -12.87
C ALA A 305 23.12 27.59 -14.23
N SER A 306 24.44 27.41 -14.25
CA SER A 306 25.18 27.31 -15.50
C SER A 306 25.21 25.90 -16.04
N HIS A 307 24.89 24.90 -15.22
CA HIS A 307 24.92 23.49 -15.58
C HIS A 307 26.27 23.03 -16.12
N ARG A 308 27.32 23.82 -15.88
CA ARG A 308 28.67 23.32 -16.11
C ARG A 308 29.00 22.25 -15.08
N GLY A 309 29.80 21.29 -15.48
CA GLY A 309 30.13 20.22 -14.56
C GLY A 309 31.43 19.55 -14.96
N GLY A 310 31.95 18.77 -14.03
CA GLY A 310 33.07 17.90 -14.28
C GLY A 310 32.71 16.46 -13.95
N LEU A 311 33.70 15.59 -14.12
CA LEU A 311 33.52 14.18 -13.84
C LEU A 311 34.75 13.69 -13.06
N ALA A 312 34.53 13.25 -11.84
CA ALA A 312 35.58 12.67 -11.01
C ALA A 312 35.32 11.17 -10.91
N ARG A 313 36.32 10.37 -11.27
N ARG A 313 36.31 10.38 -11.31
CA ARG A 313 36.18 8.91 -11.25
CA ARG A 313 36.24 8.93 -11.23
C ARG A 313 37.02 8.31 -10.13
C ARG A 313 36.94 8.45 -9.96
N ALA A 314 36.45 7.34 -9.43
CA ALA A 314 37.13 6.62 -8.35
C ALA A 314 37.22 5.17 -8.79
N GLU A 315 38.42 4.75 -9.17
CA GLU A 315 38.61 3.36 -9.59
C GLU A 315 38.39 2.43 -8.41
N LEU A 316 37.73 1.31 -8.67
CA LEU A 316 37.49 0.31 -7.65
C LEU A 316 38.28 -0.94 -7.98
N PRO A 317 39.14 -1.41 -7.08
CA PRO A 317 39.84 -2.67 -7.31
C PRO A 317 38.84 -3.80 -7.49
N PRO A 318 39.11 -4.75 -8.39
CA PRO A 318 38.19 -5.88 -8.57
C PRO A 318 37.81 -6.58 -7.27
N GLU A 319 38.75 -6.65 -6.32
CA GLU A 319 38.46 -7.29 -5.04
C GLU A 319 37.44 -6.48 -4.23
N LEU A 320 37.44 -5.15 -4.38
CA LEU A 320 36.43 -4.34 -3.74
C LEU A 320 35.07 -4.53 -4.41
N VAL A 321 35.05 -4.60 -5.74
CA VAL A 321 33.79 -4.83 -6.45
C VAL A 321 33.19 -6.17 -6.04
N GLU A 322 34.03 -7.21 -5.92
CA GLU A 322 33.52 -8.51 -5.51
C GLU A 322 33.08 -8.51 -4.06
N ALA A 323 33.81 -7.79 -3.19
CA ALA A 323 33.39 -7.68 -1.80
C ALA A 323 32.07 -6.94 -1.66
N VAL A 324 31.87 -5.90 -2.48
CA VAL A 324 30.59 -5.18 -2.47
C VAL A 324 29.47 -6.10 -2.93
N ARG A 325 29.75 -6.94 -3.94
CA ARG A 325 28.76 -7.91 -4.38
C ARG A 325 28.40 -8.88 -3.27
N ARG A 326 29.41 -9.41 -2.57
CA ARG A 326 29.16 -10.32 -1.46
C ARG A 326 28.33 -9.65 -0.38
N LEU A 327 28.67 -8.39 -0.05
CA LEU A 327 27.94 -7.67 0.98
C LEU A 327 26.47 -7.50 0.60
N ALA A 328 26.20 -7.24 -0.67
CA ALA A 328 24.82 -7.14 -1.12
C ALA A 328 24.12 -8.50 -1.03
N ALA A 329 24.80 -9.56 -1.47
CA ALA A 329 24.18 -10.88 -1.46
C ALA A 329 23.94 -11.38 -0.05
N GLN A 330 24.86 -11.11 0.87
CA GLN A 330 24.73 -11.62 2.23
C GLN A 330 23.61 -10.92 2.99
N HIS A 331 23.34 -9.65 2.70
CA HIS A 331 22.27 -8.92 3.35
C HIS A 331 21.00 -8.88 2.51
N GLY A 332 20.98 -9.58 1.38
CA GLY A 332 19.81 -9.65 0.54
C GLY A 332 19.37 -8.32 -0.03
N VAL A 333 20.32 -7.55 -0.55
CA VAL A 333 20.03 -6.28 -1.21
C VAL A 333 20.80 -6.25 -2.53
N THR A 334 20.46 -5.27 -3.35
CA THR A 334 21.18 -5.08 -4.61
C THR A 334 22.47 -4.29 -4.35
N VAL A 335 23.38 -4.36 -5.33
CA VAL A 335 24.59 -3.55 -5.26
C VAL A 335 24.21 -2.06 -5.22
N PHE A 336 23.18 -1.68 -5.99
CA PHE A 336 22.70 -0.31 -5.95
C PHE A 336 22.33 0.12 -4.53
N MET A 337 21.66 -0.75 -3.78
CA MET A 337 21.24 -0.40 -2.43
C MET A 337 22.44 -0.19 -1.52
N VAL A 338 23.50 -0.96 -1.72
CA VAL A 338 24.74 -0.75 -0.96
C VAL A 338 25.33 0.61 -1.30
N VAL A 339 25.40 0.94 -2.60
CA VAL A 339 25.96 2.21 -3.02
C VAL A 339 25.10 3.36 -2.52
N GLN A 340 23.78 3.22 -2.64
CA GLN A 340 22.87 4.26 -2.15
C GLN A 340 23.02 4.47 -0.65
N ALA A 341 23.15 3.37 0.11
CA ALA A 341 23.37 3.48 1.54
C ALA A 341 24.70 4.15 1.84
N ALA A 342 25.75 3.80 1.09
CA ALA A 342 27.05 4.41 1.31
C ALA A 342 27.03 5.90 1.00
N VAL A 343 26.33 6.31 -0.06
CA VAL A 343 26.20 7.72 -0.37
C VAL A 343 25.47 8.45 0.75
N ALA A 344 24.40 7.82 1.28
CA ALA A 344 23.66 8.43 2.38
C ALA A 344 24.56 8.59 3.61
N VAL A 345 25.41 7.59 3.88
CA VAL A 345 26.34 7.70 4.99
C VAL A 345 27.34 8.82 4.74
N LEU A 346 27.86 8.93 3.52
CA LEU A 346 28.82 9.98 3.18
C LEU A 346 28.23 11.35 3.46
N LEU A 347 27.08 11.66 2.85
CA LEU A 347 26.44 12.95 3.09
C LEU A 347 26.12 13.14 4.56
N HIS A 348 25.72 12.07 5.24
CA HIS A 348 25.43 12.15 6.67
C HIS A 348 26.66 12.56 7.47
N ARG A 349 27.80 11.91 7.20
CA ARG A 349 29.03 12.24 7.89
C ARG A 349 29.55 13.62 7.53
N LEU A 350 29.11 14.18 6.39
CA LEU A 350 29.47 15.54 6.01
C LEU A 350 28.54 16.58 6.60
N GLY A 351 27.54 16.17 7.37
CA GLY A 351 26.68 17.09 8.09
C GLY A 351 25.31 17.32 7.50
N ALA A 352 24.82 16.43 6.63
CA ALA A 352 23.53 16.66 5.98
C ALA A 352 22.34 16.27 6.84
N GLY A 353 22.56 15.64 8.00
CA GLY A 353 21.48 15.28 8.88
C GLY A 353 21.10 13.81 8.75
N ASP A 354 19.95 13.49 9.35
CA ASP A 354 19.44 12.13 9.38
C ASP A 354 18.42 11.84 8.28
N ASP A 355 17.93 12.87 7.58
CA ASP A 355 16.89 12.74 6.56
C ASP A 355 17.53 13.05 5.21
N ILE A 356 17.82 12.01 4.44
CA ILE A 356 18.64 12.12 3.24
C ILE A 356 17.80 11.71 2.03
N PRO A 357 17.26 12.68 1.28
CA PRO A 357 16.58 12.35 0.02
C PRO A 357 17.61 12.17 -1.10
N LEU A 358 17.58 11.01 -1.74
CA LEU A 358 18.47 10.71 -2.86
C LEU A 358 17.62 10.39 -4.08
N GLY A 359 17.80 11.18 -5.14
CA GLY A 359 17.15 10.87 -6.40
C GLY A 359 17.79 9.65 -7.06
N SER A 360 16.96 8.89 -7.76
CA SER A 360 17.48 7.72 -8.44
C SER A 360 16.59 7.40 -9.63
N PRO A 361 17.18 7.01 -10.76
CA PRO A 361 16.37 6.59 -11.90
C PRO A 361 15.88 5.15 -11.71
N VAL A 362 14.69 4.89 -12.23
CA VAL A 362 14.13 3.55 -12.26
C VAL A 362 13.67 3.27 -13.69
N ALA A 363 14.05 2.12 -14.22
CA ALA A 363 13.74 1.76 -15.59
C ALA A 363 12.38 1.08 -15.66
N ASP A 364 11.51 1.57 -16.53
CA ASP A 364 10.19 0.99 -16.72
C ASP A 364 10.19 0.09 -17.96
N ARG A 365 11.02 -0.95 -17.89
CA ARG A 365 11.27 -1.85 -19.01
C ARG A 365 10.83 -3.29 -18.69
N ALA A 366 9.78 -3.44 -17.89
CA ALA A 366 9.32 -4.79 -17.55
C ALA A 366 8.68 -5.49 -18.74
N ASP A 367 7.94 -4.74 -19.56
CA ASP A 367 7.26 -5.33 -20.72
C ASP A 367 8.29 -5.83 -21.73
N GLU A 368 8.09 -7.05 -22.22
CA GLU A 368 9.04 -7.66 -23.14
C GLU A 368 9.09 -6.94 -24.50
N ALA A 369 8.03 -6.20 -24.85
CA ALA A 369 8.04 -5.44 -26.09
C ALA A 369 9.00 -4.26 -26.04
N VAL A 370 9.36 -3.79 -24.85
CA VAL A 370 10.25 -2.65 -24.68
C VAL A 370 11.49 -2.99 -23.86
N HIS A 371 11.63 -4.24 -23.41
CA HIS A 371 12.71 -4.58 -22.48
C HIS A 371 14.09 -4.34 -23.09
N ASP A 372 14.21 -4.43 -24.42
CA ASP A 372 15.51 -4.30 -25.07
C ASP A 372 15.46 -3.34 -26.25
N THR A 373 14.65 -2.28 -26.16
CA THR A 373 14.46 -1.36 -27.26
C THR A 373 15.02 0.02 -26.94
N VAL A 374 14.98 0.91 -27.94
CA VAL A 374 15.53 2.25 -27.83
C VAL A 374 14.44 3.21 -27.37
N GLY A 375 14.74 3.99 -26.34
CA GLY A 375 13.81 4.97 -25.85
C GLY A 375 14.19 5.42 -24.46
N PHE A 376 13.41 6.36 -23.94
CA PHE A 376 13.61 6.90 -22.60
C PHE A 376 12.56 6.27 -21.68
N PHE A 377 13.00 5.31 -20.86
CA PHE A 377 12.10 4.56 -19.98
C PHE A 377 12.41 4.81 -18.51
N LEU A 378 13.09 5.90 -18.18
CA LEU A 378 13.54 6.16 -16.81
C LEU A 378 12.59 7.14 -16.14
N ASN A 379 11.98 6.70 -15.05
CA ASN A 379 11.36 7.62 -14.11
C ASN A 379 12.38 7.98 -13.04
N THR A 380 12.09 9.05 -12.30
CA THR A 380 12.96 9.49 -11.22
C THR A 380 12.19 9.38 -9.92
N LEU A 381 12.76 8.64 -8.97
CA LEU A 381 12.17 8.45 -7.66
C LEU A 381 13.01 9.13 -6.61
N VAL A 382 12.34 9.71 -5.62
CA VAL A 382 13.01 10.27 -4.45
C VAL A 382 13.09 9.15 -3.41
N LEU A 383 14.29 8.64 -3.18
CA LEU A 383 14.52 7.58 -2.20
C LEU A 383 14.95 8.26 -0.90
N ARG A 384 14.03 8.32 0.06
CA ARG A 384 14.21 9.07 1.29
C ARG A 384 14.68 8.11 2.36
N VAL A 385 15.97 8.15 2.67
CA VAL A 385 16.57 7.24 3.64
C VAL A 385 16.78 7.99 4.95
N ASN A 386 16.36 7.36 6.05
CA ASN A 386 16.50 7.94 7.39
C ASN A 386 17.64 7.26 8.13
N LEU A 387 18.52 8.06 8.73
CA LEU A 387 19.70 7.55 9.40
C LEU A 387 19.69 7.80 10.90
N SER A 388 18.54 8.17 11.46
CA SER A 388 18.47 8.46 12.89
C SER A 388 18.54 7.17 13.71
N GLY A 389 18.90 7.32 14.97
CA GLY A 389 18.97 6.19 15.88
C GLY A 389 20.26 5.41 15.86
N ASN A 390 21.35 6.00 15.39
CA ASN A 390 22.66 5.36 15.35
C ASN A 390 22.62 3.95 14.76
N PRO A 391 22.23 3.80 13.50
CA PRO A 391 22.17 2.46 12.91
C PRO A 391 23.54 2.00 12.44
N THR A 392 23.72 0.69 12.45
CA THR A 392 24.86 0.10 11.77
C THR A 392 24.63 0.14 10.25
N PHE A 393 25.68 -0.15 9.50
CA PHE A 393 25.52 -0.19 8.04
C PHE A 393 24.57 -1.31 7.63
N ALA A 394 24.63 -2.44 8.31
CA ALA A 394 23.68 -3.52 8.05
C ALA A 394 22.25 -3.09 8.34
N ASP A 395 22.05 -2.39 9.46
CA ASP A 395 20.73 -1.81 9.74
C ASP A 395 20.28 -0.89 8.62
N LEU A 396 21.20 -0.05 8.11
CA LEU A 396 20.86 0.87 7.05
C LEU A 396 20.46 0.14 5.78
N LEU A 397 21.15 -0.96 5.46
CA LEU A 397 20.78 -1.77 4.31
C LEU A 397 19.36 -2.31 4.44
N ASP A 398 18.91 -2.59 5.66
CA ASP A 398 17.53 -2.99 5.87
C ASP A 398 16.58 -1.82 5.64
N ARG A 399 16.94 -0.63 6.16
CA ARG A 399 16.11 0.54 5.92
C ARG A 399 16.05 0.90 4.45
N VAL A 400 17.20 0.87 3.78
CA VAL A 400 17.26 1.24 2.36
C VAL A 400 16.42 0.28 1.53
N ARG A 401 16.52 -1.03 1.82
CA ARG A 401 15.69 -2.00 1.12
C ARG A 401 14.21 -1.71 1.32
N ALA A 402 13.82 -1.39 2.55
CA ALA A 402 12.42 -1.10 2.82
C ALA A 402 11.96 0.16 2.10
N VAL A 403 12.79 1.21 2.13
CA VAL A 403 12.45 2.45 1.45
C VAL A 403 12.36 2.22 -0.06
N ASP A 404 13.32 1.48 -0.61
CA ASP A 404 13.36 1.26 -2.06
C ASP A 404 12.18 0.43 -2.53
N LEU A 405 11.92 -0.70 -1.86
CA LEU A 405 10.82 -1.56 -2.28
C LEU A 405 9.49 -0.83 -2.18
N GLU A 406 9.29 -0.05 -1.12
CA GLU A 406 8.12 0.80 -1.04
C GLU A 406 8.05 1.76 -2.22
N ALA A 407 9.20 2.34 -2.59
CA ALA A 407 9.22 3.29 -3.69
C ALA A 407 9.00 2.61 -5.04
N PHE A 408 9.62 1.45 -5.24
CA PHE A 408 9.49 0.76 -6.52
C PHE A 408 8.06 0.31 -6.79
N ALA A 409 7.21 0.26 -5.76
CA ALA A 409 5.81 -0.06 -5.95
C ALA A 409 4.99 1.13 -6.42
N ARG A 410 5.56 2.34 -6.40
CA ARG A 410 4.91 3.55 -6.88
C ARG A 410 5.83 4.29 -7.84
N ALA A 411 6.39 3.56 -8.80
CA ALA A 411 7.39 4.08 -9.71
C ALA A 411 6.82 4.65 -11.01
N ASP A 412 5.50 4.58 -11.20
CA ASP A 412 4.90 5.03 -12.45
C ASP A 412 4.49 6.49 -12.43
N ALA A 413 4.19 7.02 -11.25
CA ALA A 413 3.83 8.43 -11.14
C ALA A 413 4.98 9.29 -11.65
N PRO A 414 4.79 10.05 -12.73
CA PRO A 414 5.91 10.82 -13.30
C PRO A 414 6.47 11.79 -12.29
N PHE A 415 7.81 11.91 -12.29
CA PHE A 415 8.47 12.74 -11.29
C PHE A 415 7.97 14.17 -11.32
N ASP A 416 7.59 14.68 -12.50
CA ASP A 416 7.10 16.06 -12.56
C ASP A 416 5.74 16.20 -11.89
N ALA A 417 4.89 15.17 -11.99
CA ALA A 417 3.63 15.18 -11.25
C ALA A 417 3.89 15.09 -9.75
N VAL A 418 4.92 14.33 -9.36
CA VAL A 418 5.27 14.22 -7.95
C VAL A 418 5.75 15.58 -7.42
N VAL A 419 6.55 16.29 -8.21
CA VAL A 419 6.97 17.64 -7.82
C VAL A 419 5.75 18.55 -7.71
N ASP A 420 4.79 18.40 -8.63
CA ASP A 420 3.58 19.20 -8.55
C ASP A 420 2.78 18.87 -7.30
N THR A 421 2.70 17.59 -6.94
CA THR A 421 1.91 17.21 -5.78
C THR A 421 2.58 17.64 -4.47
N VAL A 422 3.90 17.48 -4.38
CA VAL A 422 4.60 17.80 -3.14
C VAL A 422 4.69 19.32 -2.94
N LYS A 423 4.79 20.09 -4.03
CA LYS A 423 4.87 21.54 -4.01
C LYS A 423 6.02 22.06 -3.17
N PRO A 424 7.27 21.67 -3.41
CA PRO A 424 8.38 22.22 -2.64
C PRO A 424 8.68 23.64 -3.08
N PRO A 425 9.33 24.43 -2.23
CA PRO A 425 9.81 25.74 -2.68
C PRO A 425 10.78 25.59 -3.84
N ARG A 426 10.62 26.43 -4.85
CA ARG A 426 11.34 26.29 -6.10
C ARG A 426 12.52 27.24 -6.19
N ALA A 427 13.44 26.90 -7.08
CA ALA A 427 14.60 27.73 -7.39
C ALA A 427 15.27 27.17 -8.64
N VAL A 428 15.46 28.00 -9.68
CA VAL A 428 15.96 27.49 -10.95
C VAL A 428 17.39 26.97 -10.85
N SER A 429 18.12 27.35 -9.80
CA SER A 429 19.48 26.86 -9.60
C SER A 429 19.54 25.64 -8.69
N ARG A 430 18.38 25.10 -8.30
CA ARG A 430 18.31 23.94 -7.42
C ARG A 430 17.29 22.97 -7.97
N HIS A 431 17.73 21.74 -8.23
CA HIS A 431 16.77 20.71 -8.60
C HIS A 431 15.85 20.41 -7.42
N PRO A 432 14.55 20.30 -7.65
CA PRO A 432 13.61 20.13 -6.53
C PRO A 432 13.60 18.71 -5.98
N LEU A 433 13.25 18.61 -4.69
CA LEU A 433 13.11 17.37 -3.94
C LEU A 433 14.45 16.69 -3.66
N PHE A 434 15.38 16.71 -4.61
CA PHE A 434 16.71 16.15 -4.38
C PHE A 434 17.71 16.90 -5.24
N GLN A 435 18.95 16.93 -4.76
CA GLN A 435 20.07 17.48 -5.51
C GLN A 435 21.22 16.50 -5.66
N THR A 436 21.12 15.32 -5.04
CA THR A 436 22.10 14.26 -5.21
C THR A 436 21.39 13.04 -5.79
N MET A 437 21.93 12.52 -6.88
CA MET A 437 21.40 11.33 -7.53
C MET A 437 22.38 10.17 -7.37
N VAL A 438 21.84 8.97 -7.13
CA VAL A 438 22.61 7.75 -7.05
C VAL A 438 22.01 6.77 -8.06
N SER A 439 22.88 6.11 -8.83
CA SER A 439 22.41 5.11 -9.77
C SER A 439 23.46 4.01 -9.91
N TYR A 440 22.99 2.87 -10.40
CA TYR A 440 23.84 1.75 -10.75
C TYR A 440 23.65 1.48 -12.23
N GLN A 441 24.75 1.40 -12.97
CA GLN A 441 24.69 1.22 -14.41
C GLN A 441 25.64 0.10 -14.82
N ARG A 442 25.19 -0.71 -15.78
CA ARG A 442 25.99 -1.79 -16.35
C ARG A 442 26.10 -1.55 -17.85
N ARG A 443 27.33 -1.42 -18.32
CA ARG A 443 27.56 -1.16 -19.74
C ARG A 443 27.37 -2.44 -20.55
N PRO A 444 27.08 -2.31 -21.85
CA PRO A 444 26.84 -3.51 -22.66
C PRO A 444 28.05 -4.41 -22.73
N SER A 445 27.78 -5.72 -22.75
CA SER A 445 28.80 -6.73 -22.99
C SER A 445 28.74 -7.17 -24.45
N ASP A 446 29.79 -7.88 -24.88
CA ASP A 446 29.89 -8.40 -26.25
C ASP A 446 29.74 -7.28 -27.28
N VAL A 447 30.39 -6.14 -27.00
CA VAL A 447 30.44 -5.03 -27.96
C VAL A 447 31.89 -4.81 -28.35
N ASP A 448 32.67 -5.90 -28.39
CA ASP A 448 34.09 -5.82 -28.67
C ASP A 448 34.46 -6.11 -30.13
N ARG A 449 33.50 -6.57 -30.93
CA ARG A 449 33.76 -6.93 -32.33
C ARG A 449 32.74 -6.26 -33.25
N LEU A 450 32.34 -5.03 -32.93
CA LEU A 450 31.37 -4.33 -33.75
C LEU A 450 31.97 -3.88 -35.07
N PHE A 451 31.12 -3.78 -36.10
CA PHE A 451 31.48 -3.28 -37.42
C PHE A 451 32.62 -4.06 -38.06
N GLY A 452 32.79 -5.33 -37.67
CA GLY A 452 33.89 -6.12 -38.22
C GLY A 452 35.26 -5.61 -37.84
N ALA A 453 35.42 -5.06 -36.64
CA ALA A 453 36.69 -4.51 -36.18
C ALA A 453 36.82 -4.83 -34.69
N ALA A 454 37.89 -4.30 -34.09
CA ALA A 454 38.06 -4.36 -32.65
C ALA A 454 37.49 -3.08 -32.04
N THR A 455 36.55 -3.23 -31.11
CA THR A 455 35.84 -2.09 -30.55
C THR A 455 35.83 -2.17 -29.02
N ARG A 456 35.77 -0.99 -28.40
CA ARG A 456 35.64 -0.88 -26.96
C ARG A 456 34.94 0.43 -26.65
N LEU A 457 34.06 0.39 -25.66
CA LEU A 457 33.40 1.60 -25.19
C LEU A 457 34.42 2.51 -24.51
N VAL A 458 34.29 3.81 -24.72
CA VAL A 458 35.09 4.81 -24.01
C VAL A 458 34.15 5.74 -23.28
N GLU A 459 34.48 6.04 -22.02
CA GLU A 459 33.65 6.92 -21.22
C GLU A 459 33.90 8.37 -21.63
N VAL A 460 32.85 9.17 -21.58
CA VAL A 460 32.91 10.56 -21.98
C VAL A 460 32.99 11.43 -20.72
N PRO A 461 34.05 12.23 -20.56
CA PRO A 461 34.14 13.11 -19.38
C PRO A 461 33.27 14.35 -19.53
N LEU A 462 32.06 14.29 -18.99
CA LEU A 462 31.07 15.32 -19.24
C LEU A 462 31.54 16.70 -18.78
N ASP A 463 31.22 17.72 -19.58
CA ASP A 463 31.42 19.12 -19.22
C ASP A 463 30.17 19.73 -18.59
N THR A 464 29.13 18.93 -18.36
CA THR A 464 27.87 19.42 -17.85
C THR A 464 27.48 18.63 -16.61
N ALA A 465 26.51 19.16 -15.87
CA ALA A 465 25.97 18.50 -14.70
C ALA A 465 24.48 18.82 -14.59
N LYS A 466 23.71 17.85 -14.13
CA LYS A 466 22.26 18.02 -14.00
C LYS A 466 21.83 18.43 -12.60
N PHE A 467 22.55 18.00 -11.57
CA PHE A 467 22.18 18.24 -10.18
C PHE A 467 23.37 18.86 -9.47
N ASP A 468 23.34 18.85 -8.14
CA ASP A 468 24.54 19.20 -7.39
C ASP A 468 25.58 18.09 -7.50
N LEU A 469 25.16 16.85 -7.21
CA LEU A 469 26.03 15.68 -7.26
C LEU A 469 25.28 14.53 -7.90
N GLU A 470 25.96 13.78 -8.76
CA GLU A 470 25.42 12.56 -9.32
C GLU A 470 26.47 11.46 -9.16
N PHE A 471 26.20 10.50 -8.30
CA PHE A 471 27.08 9.36 -8.08
C PHE A 471 26.56 8.19 -8.90
N ALA A 472 27.45 7.56 -9.67
CA ALA A 472 27.08 6.43 -10.50
C ALA A 472 28.08 5.29 -10.28
N PHE A 473 27.58 4.16 -9.81
CA PHE A 473 28.36 2.92 -9.77
C PHE A 473 28.23 2.28 -11.15
N ILE A 474 29.31 2.25 -11.92
CA ILE A 474 29.27 1.88 -13.32
C ILE A 474 30.13 0.64 -13.53
N GLU A 475 29.50 -0.47 -13.91
CA GLU A 475 30.20 -1.68 -14.30
C GLU A 475 30.44 -1.64 -15.82
N ASP A 476 31.66 -1.95 -16.22
CA ASP A 476 32.06 -1.77 -17.62
C ASP A 476 31.48 -2.83 -18.55
N GLY A 477 30.92 -3.92 -18.02
CA GLY A 477 30.42 -4.98 -18.86
C GLY A 477 31.39 -6.11 -19.13
N HIS A 478 32.67 -5.94 -18.77
CA HIS A 478 33.66 -6.99 -18.88
C HIS A 478 34.53 -7.02 -17.63
N GLY A 479 33.88 -7.11 -16.47
CA GLY A 479 34.60 -7.33 -15.23
C GLY A 479 34.65 -6.18 -14.25
N GLY A 480 35.26 -5.06 -14.66
CA GLY A 480 35.58 -3.99 -13.75
C GLY A 480 34.41 -3.07 -13.45
N ALA A 481 34.68 -2.13 -12.54
CA ALA A 481 33.69 -1.12 -12.16
C ALA A 481 34.41 0.09 -11.60
N HIS A 482 33.71 1.23 -11.62
CA HIS A 482 34.23 2.45 -11.03
C HIS A 482 33.05 3.32 -10.59
N ILE A 483 33.34 4.27 -9.72
CA ILE A 483 32.37 5.29 -9.31
C ILE A 483 32.63 6.53 -10.15
N ALA A 484 31.59 7.07 -10.75
CA ALA A 484 31.64 8.33 -11.48
C ALA A 484 30.83 9.36 -10.73
N LEU A 485 31.47 10.47 -10.36
CA LEU A 485 30.81 11.59 -9.70
C LEU A 485 30.70 12.73 -10.71
N ASN A 486 29.47 12.99 -11.17
CA ASN A 486 29.18 14.14 -12.02
C ASN A 486 28.73 15.28 -11.11
N TYR A 487 29.58 16.29 -10.95
CA TYR A 487 29.35 17.37 -9.99
C TYR A 487 29.10 18.68 -10.72
N ALA A 488 28.35 19.56 -10.07
CA ALA A 488 28.10 20.89 -10.59
C ALA A 488 29.33 21.77 -10.32
N ALA A 489 29.94 22.28 -11.40
CA ALA A 489 31.13 23.12 -11.24
C ALA A 489 30.80 24.42 -10.51
N ASP A 490 29.56 24.88 -10.59
CA ASP A 490 29.18 26.08 -9.85
C ASP A 490 29.39 25.91 -8.36
N LEU A 491 29.23 24.68 -7.85
CA LEU A 491 29.27 24.41 -6.42
C LEU A 491 30.59 23.82 -5.95
N PHE A 492 31.21 22.95 -6.73
CA PHE A 492 32.39 22.22 -6.28
C PHE A 492 33.56 22.43 -7.23
N ASP A 493 34.75 22.57 -6.66
CA ASP A 493 35.98 22.44 -7.43
C ASP A 493 36.22 20.97 -7.75
N HIS A 494 37.07 20.74 -8.76
CA HIS A 494 37.35 19.37 -9.17
C HIS A 494 37.97 18.56 -8.04
N ASP A 495 38.93 19.14 -7.32
CA ASP A 495 39.60 18.39 -6.27
C ASP A 495 38.67 18.09 -5.10
N SER A 496 37.69 18.95 -4.85
CA SER A 496 36.67 18.62 -3.86
C SER A 496 35.86 17.41 -4.28
N ALA A 497 35.56 17.30 -5.58
CA ALA A 497 34.80 16.17 -6.08
C ALA A 497 35.64 14.90 -6.09
N GLU A 498 36.93 15.00 -6.43
CA GLU A 498 37.82 13.86 -6.32
C GLU A 498 37.88 13.35 -4.89
N GLN A 499 37.94 14.26 -3.92
CA GLN A 499 37.90 13.86 -2.52
C GLN A 499 36.57 13.22 -2.16
N LEU A 500 35.46 13.79 -2.65
CA LEU A 500 34.15 13.25 -2.35
C LEU A 500 34.00 11.83 -2.87
N VAL A 501 34.42 11.60 -4.11
CA VAL A 501 34.27 10.27 -4.69
C VAL A 501 35.24 9.29 -4.05
N ALA A 502 36.38 9.78 -3.55
CA ALA A 502 37.31 8.90 -2.84
C ALA A 502 36.78 8.52 -1.47
N ARG A 503 36.11 9.46 -0.79
CA ARG A 503 35.55 9.15 0.51
C ARG A 503 34.36 8.19 0.40
N LEU A 504 33.69 8.17 -0.75
CA LEU A 504 32.63 7.18 -0.96
C LEU A 504 33.22 5.78 -1.09
N ARG A 505 34.34 5.64 -1.79
CA ARG A 505 35.02 4.35 -1.83
C ARG A 505 35.46 3.93 -0.44
N THR A 506 35.93 4.88 0.37
CA THR A 506 36.32 4.57 1.74
C THR A 506 35.14 4.03 2.54
N VAL A 507 33.97 4.66 2.41
CA VAL A 507 32.78 4.17 3.09
C VAL A 507 32.44 2.76 2.63
N LEU A 508 32.55 2.52 1.32
CA LEU A 508 32.30 1.18 0.79
C LEU A 508 33.30 0.17 1.34
N GLU A 509 34.58 0.56 1.41
CA GLU A 509 35.60 -0.34 1.95
C GLU A 509 35.32 -0.69 3.41
N HIS A 510 34.90 0.30 4.21
CA HIS A 510 34.61 0.05 5.62
C HIS A 510 33.35 -0.80 5.78
N ALA A 511 32.35 -0.59 4.92
CA ALA A 511 31.11 -1.34 5.03
C ALA A 511 31.33 -2.81 4.72
N CYS A 512 32.14 -3.12 3.71
CA CYS A 512 32.45 -4.51 3.41
C CYS A 512 33.27 -5.14 4.53
N ALA A 513 34.17 -4.37 5.15
CA ALA A 513 35.02 -4.93 6.19
C ALA A 513 34.20 -5.36 7.40
N ASP A 514 33.28 -4.50 7.86
CA ASP A 514 32.49 -4.79 9.05
C ASP A 514 31.19 -4.00 8.95
N PRO A 515 30.12 -4.61 8.43
CA PRO A 515 28.85 -3.90 8.28
C PRO A 515 28.16 -3.58 9.60
N CYS A 516 28.72 -3.99 10.73
CA CYS A 516 28.12 -3.76 12.04
C CYS A 516 28.64 -2.50 12.72
N ARG A 517 29.45 -1.71 12.05
CA ARG A 517 29.84 -0.42 12.60
C ARG A 517 28.67 0.55 12.51
N PRO A 518 28.32 1.26 13.58
CA PRO A 518 27.43 2.41 13.45
C PRO A 518 27.91 3.36 12.36
N VAL A 519 26.97 3.87 11.56
CA VAL A 519 27.33 4.73 10.44
C VAL A 519 27.78 6.12 10.87
N ALA A 520 27.58 6.49 12.13
CA ALA A 520 27.98 7.80 12.61
C ALA A 520 29.46 7.83 12.96
N VAL B 1 -14.66 -6.33 6.69
CA VAL B 1 -15.03 -4.92 6.76
C VAL B 1 -16.41 -4.71 6.16
N THR B 2 -17.39 -4.41 7.02
CA THR B 2 -18.74 -4.15 6.55
C THR B 2 -18.86 -2.83 5.81
N ALA B 3 -17.89 -1.93 5.97
CA ALA B 3 -17.96 -0.62 5.33
C ALA B 3 -18.01 -0.75 3.81
N TYR B 4 -17.29 -1.72 3.25
CA TYR B 4 -17.38 -1.97 1.81
C TYR B 4 -18.80 -2.31 1.40
N GLU B 5 -19.47 -3.19 2.17
CA GLU B 5 -20.84 -3.55 1.87
C GLU B 5 -21.77 -2.34 1.92
N GLU B 6 -21.60 -1.48 2.92
CA GLU B 6 -22.46 -0.31 3.06
C GLU B 6 -22.30 0.64 1.87
N ILE B 7 -21.06 0.82 1.39
CA ILE B 7 -20.83 1.71 0.27
C ILE B 7 -21.46 1.16 -0.99
N VAL B 8 -21.34 -0.14 -1.23
CA VAL B 8 -21.98 -0.74 -2.40
C VAL B 8 -23.49 -0.59 -2.33
N CYS B 9 -24.07 -0.82 -1.16
CA CYS B 9 -25.50 -0.60 -0.98
C CYS B 9 -25.87 0.85 -1.26
N GLN B 10 -25.11 1.78 -0.70
CA GLN B 10 -25.38 3.21 -0.92
C GLN B 10 -25.28 3.55 -2.40
N VAL B 11 -24.36 2.93 -3.13
CA VAL B 11 -24.22 3.19 -4.56
C VAL B 11 -25.37 2.56 -5.33
N PHE B 12 -25.67 1.29 -5.04
CA PHE B 12 -26.84 0.64 -5.65
C PHE B 12 -28.08 1.48 -5.45
N ALA B 13 -28.30 1.95 -4.21
CA ALA B 13 -29.49 2.72 -3.91
C ALA B 13 -29.54 4.02 -4.70
N ALA B 14 -28.40 4.67 -4.88
CA ALA B 14 -28.36 5.96 -5.57
C ALA B 14 -28.65 5.79 -7.06
N VAL B 15 -27.95 4.87 -7.72
CA VAL B 15 -28.11 4.77 -9.18
C VAL B 15 -29.44 4.13 -9.54
N LEU B 16 -29.97 3.24 -8.70
CA LEU B 16 -31.25 2.61 -8.97
C LEU B 16 -32.43 3.41 -8.45
N ASP B 17 -32.18 4.48 -7.68
CA ASP B 17 -33.22 5.24 -6.99
C ASP B 17 -34.17 4.29 -6.25
N ARG B 18 -33.58 3.45 -5.39
CA ARG B 18 -34.34 2.52 -4.58
C ARG B 18 -33.84 2.59 -3.14
N SER B 19 -34.77 2.48 -2.20
CA SER B 19 -34.45 2.54 -0.78
C SER B 19 -34.57 1.17 -0.11
N ASP B 20 -34.74 0.10 -0.89
CA ASP B 20 -34.87 -1.25 -0.37
C ASP B 20 -33.70 -2.13 -0.78
N VAL B 21 -32.49 -1.58 -0.75
CA VAL B 21 -31.30 -2.28 -1.21
C VAL B 21 -30.75 -3.11 -0.04
N THR B 22 -30.86 -4.43 -0.16
CA THR B 22 -30.33 -5.36 0.81
C THR B 22 -28.97 -5.87 0.33
N ALA B 23 -28.12 -6.25 1.29
CA ALA B 23 -26.80 -6.79 0.96
C ALA B 23 -26.87 -8.02 0.07
N ASP B 24 -28.03 -8.69 0.00
CA ASP B 24 -28.20 -9.87 -0.83
C ASP B 24 -29.11 -9.62 -2.02
N ALA B 25 -29.40 -8.36 -2.33
CA ALA B 25 -30.29 -8.02 -3.43
C ALA B 25 -29.50 -7.91 -4.73
N ASP B 26 -29.95 -8.62 -5.76
CA ASP B 26 -29.25 -8.68 -7.03
C ASP B 26 -29.47 -7.40 -7.82
N PHE B 27 -28.37 -6.81 -8.29
CA PHE B 27 -28.42 -5.51 -8.97
C PHE B 27 -29.38 -5.52 -10.13
N PHE B 28 -29.32 -6.54 -10.99
CA PHE B 28 -30.17 -6.57 -12.17
C PHE B 28 -31.62 -6.92 -11.83
N ALA B 29 -31.83 -7.72 -10.78
CA ALA B 29 -33.20 -8.03 -10.37
C ALA B 29 -33.93 -6.80 -9.86
N LEU B 30 -33.19 -5.81 -9.33
CA LEU B 30 -33.79 -4.58 -8.85
C LEU B 30 -33.96 -3.53 -9.93
N GLY B 31 -33.78 -3.89 -11.20
CA GLY B 31 -33.90 -2.95 -12.29
C GLY B 31 -32.61 -2.41 -12.84
N GLY B 32 -31.46 -2.97 -12.46
CA GLY B 32 -30.21 -2.56 -13.04
C GLY B 32 -30.03 -3.07 -14.45
N HIS B 33 -29.34 -2.28 -15.26
CA HIS B 33 -28.98 -2.68 -16.62
C HIS B 33 -27.58 -2.14 -16.92
N SER B 34 -27.14 -2.35 -18.17
CA SER B 34 -25.75 -2.08 -18.52
C SER B 34 -25.39 -0.61 -18.33
N LEU B 35 -26.33 0.29 -18.61
CA LEU B 35 -26.04 1.73 -18.48
C LEU B 35 -25.86 2.11 -17.01
N LEU B 36 -26.77 1.67 -16.14
CA LEU B 36 -26.60 1.92 -14.72
C LEU B 36 -25.40 1.16 -14.17
N SER B 37 -25.05 0.03 -14.77
CA SER B 37 -23.85 -0.68 -14.38
C SER B 37 -22.60 0.17 -14.58
N LEU B 38 -22.59 1.00 -15.63
CA LEU B 38 -21.47 1.91 -15.82
C LEU B 38 -21.39 2.93 -14.69
N ARG B 39 -22.54 3.36 -14.17
CA ARG B 39 -22.54 4.34 -13.09
C ARG B 39 -22.12 3.70 -11.77
N VAL B 40 -22.53 2.46 -11.53
CA VAL B 40 -22.12 1.76 -10.32
C VAL B 40 -20.60 1.63 -10.27
N VAL B 41 -20.01 1.17 -11.37
CA VAL B 41 -18.57 0.96 -11.42
C VAL B 41 -17.82 2.27 -11.21
N ALA B 42 -18.24 3.31 -11.92
CA ALA B 42 -17.57 4.61 -11.81
C ALA B 42 -17.69 5.16 -10.40
N ARG B 43 -18.86 5.00 -9.77
CA ARG B 43 -19.05 5.51 -8.42
C ARG B 43 -18.21 4.73 -7.42
N LEU B 44 -18.17 3.41 -7.54
CA LEU B 44 -17.38 2.60 -6.62
C LEU B 44 -15.88 2.89 -6.76
N ARG B 45 -15.41 3.07 -8.00
CA ARG B 45 -14.02 3.46 -8.21
C ARG B 45 -13.71 4.78 -7.51
N ALA B 46 -14.63 5.74 -7.60
CA ALA B 46 -14.39 7.05 -6.99
C ALA B 46 -14.44 6.97 -5.47
N LEU B 47 -15.38 6.19 -4.92
CA LEU B 47 -15.56 6.17 -3.48
C LEU B 47 -14.58 5.23 -2.77
N LEU B 48 -14.19 4.13 -3.42
CA LEU B 48 -13.30 3.17 -2.81
C LEU B 48 -11.85 3.31 -3.24
N GLY B 49 -11.57 4.08 -4.29
CA GLY B 49 -10.21 4.24 -4.76
C GLY B 49 -9.57 2.96 -5.26
N VAL B 50 -10.37 1.95 -5.59
CA VAL B 50 -9.87 0.70 -6.11
C VAL B 50 -10.44 0.48 -7.51
N ASP B 51 -9.76 -0.34 -8.29
CA ASP B 51 -10.16 -0.59 -9.66
C ASP B 51 -11.36 -1.52 -9.67
N VAL B 52 -12.53 -0.97 -9.98
CA VAL B 52 -13.75 -1.75 -10.15
C VAL B 52 -14.09 -1.81 -11.62
N GLY B 53 -14.57 -2.97 -12.07
CA GLY B 53 -14.95 -3.16 -13.46
C GLY B 53 -16.34 -3.72 -13.58
N VAL B 54 -16.88 -3.64 -14.80
CA VAL B 54 -18.17 -4.25 -15.09
C VAL B 54 -18.14 -5.74 -14.76
N ARG B 55 -17.00 -6.39 -15.02
CA ARG B 55 -16.87 -7.81 -14.74
C ARG B 55 -17.15 -8.12 -13.27
N ASP B 56 -16.68 -7.27 -12.37
CA ASP B 56 -16.94 -7.47 -10.94
C ASP B 56 -18.43 -7.42 -10.65
N LEU B 57 -19.14 -6.46 -11.26
CA LEU B 57 -20.59 -6.36 -11.03
C LEU B 57 -21.33 -7.53 -11.65
N PHE B 58 -20.91 -7.97 -12.84
CA PHE B 58 -21.56 -9.11 -13.48
C PHE B 58 -21.39 -10.37 -12.64
N GLU B 59 -20.16 -10.64 -12.19
CA GLU B 59 -19.87 -11.85 -11.44
C GLU B 59 -20.32 -11.77 -9.99
N ALA B 60 -20.49 -10.57 -9.44
CA ALA B 60 -20.93 -10.40 -8.05
C ALA B 60 -22.00 -9.31 -8.01
N PRO B 61 -23.23 -9.65 -8.40
CA PRO B 61 -24.28 -8.63 -8.56
C PRO B 61 -24.96 -8.18 -7.28
N THR B 62 -24.57 -8.68 -6.11
CA THR B 62 -25.14 -8.24 -4.86
C THR B 62 -24.11 -7.46 -4.06
N PRO B 63 -24.56 -6.57 -3.16
CA PRO B 63 -23.59 -5.81 -2.35
C PRO B 63 -22.66 -6.68 -1.54
N ALA B 64 -23.17 -7.73 -0.90
CA ALA B 64 -22.30 -8.60 -0.11
C ALA B 64 -21.24 -9.26 -0.99
N ALA B 65 -21.65 -9.81 -2.15
CA ALA B 65 -20.69 -10.49 -3.01
C ALA B 65 -19.72 -9.50 -3.64
N LEU B 66 -20.21 -8.35 -4.11
CA LEU B 66 -19.34 -7.37 -4.74
C LEU B 66 -18.33 -6.80 -3.75
N ALA B 67 -18.78 -6.48 -2.52
CA ALA B 67 -17.85 -6.00 -1.52
C ALA B 67 -16.77 -7.03 -1.22
N ALA B 68 -17.16 -8.29 -1.07
CA ALA B 68 -16.18 -9.35 -0.84
C ALA B 68 -15.23 -9.49 -2.01
N ARG B 69 -15.74 -9.37 -3.24
CA ARG B 69 -14.89 -9.55 -4.41
C ARG B 69 -13.84 -8.45 -4.51
N LEU B 70 -14.20 -7.22 -4.13
CA LEU B 70 -13.27 -6.10 -4.26
C LEU B 70 -12.17 -6.13 -3.19
N THR B 71 -12.37 -6.87 -2.10
CA THR B 71 -11.35 -7.02 -1.06
C THR B 71 -10.50 -8.27 -1.25
N THR B 72 -10.32 -8.73 -2.48
CA THR B 72 -9.51 -9.91 -2.76
C THR B 72 -8.63 -9.69 -3.99
N ARG B 77 -6.94 -14.20 -0.59
CA ARG B 77 -7.35 -14.79 0.68
C ARG B 77 -8.33 -15.94 0.45
N PRO B 78 -8.01 -17.12 1.01
CA PRO B 78 -8.81 -18.31 0.70
C PRO B 78 -10.17 -18.26 1.39
N ALA B 79 -11.18 -18.81 0.70
CA ALA B 79 -12.50 -18.93 1.27
C ALA B 79 -12.47 -19.85 2.48
N VAL B 80 -13.39 -19.62 3.42
CA VAL B 80 -13.51 -20.48 4.58
C VAL B 80 -14.06 -21.83 4.15
N THR B 81 -13.41 -22.90 4.59
CA THR B 81 -13.82 -24.26 4.25
C THR B 81 -14.04 -25.06 5.52
N ARG B 82 -15.07 -25.91 5.51
CA ARG B 82 -15.32 -26.80 6.64
C ARG B 82 -14.21 -27.84 6.71
N ARG B 83 -13.66 -28.03 7.91
CA ARG B 83 -12.58 -28.97 8.12
C ARG B 83 -13.06 -30.39 8.42
N GLY B 84 -14.37 -30.59 8.53
CA GLY B 84 -14.92 -31.91 8.69
C GLY B 84 -14.96 -32.37 10.14
N PRO B 85 -15.59 -33.52 10.38
CA PRO B 85 -15.72 -34.01 11.76
C PRO B 85 -14.37 -34.27 12.40
N ASP B 86 -14.32 -34.10 13.73
CA ASP B 86 -13.17 -34.34 14.59
C ASP B 86 -12.02 -33.37 14.35
N ALA B 87 -12.25 -32.30 13.59
CA ALA B 87 -11.21 -31.29 13.44
C ALA B 87 -11.01 -30.56 14.77
N PRO B 88 -9.77 -30.29 15.15
CA PRO B 88 -9.51 -29.67 16.46
C PRO B 88 -10.08 -28.26 16.52
N PRO B 89 -10.65 -27.86 17.65
CA PRO B 89 -11.09 -26.48 17.80
C PRO B 89 -9.91 -25.52 17.72
N VAL B 90 -10.16 -24.34 17.19
CA VAL B 90 -9.12 -23.33 16.99
C VAL B 90 -9.63 -22.02 17.56
N LEU B 91 -8.95 -21.51 18.59
CA LEU B 91 -9.21 -20.15 19.05
C LEU B 91 -8.65 -19.16 18.04
N SER B 92 -9.50 -18.25 17.57
CA SER B 92 -9.02 -17.23 16.65
C SER B 92 -8.12 -16.23 17.39
N HIS B 93 -7.32 -15.51 16.61
CA HIS B 93 -6.47 -14.48 17.19
C HIS B 93 -7.31 -13.39 17.85
N PHE B 94 -8.51 -13.12 17.32
CA PHE B 94 -9.37 -12.12 17.94
C PHE B 94 -9.89 -12.61 19.28
N GLN B 95 -10.27 -13.90 19.36
CA GLN B 95 -10.64 -14.49 20.64
C GLN B 95 -9.47 -14.41 21.63
N ARG B 96 -8.25 -14.67 21.14
CA ARG B 96 -7.08 -14.60 22.00
C ARG B 96 -6.91 -13.20 22.60
N GLY B 97 -7.13 -12.17 21.79
CA GLY B 97 -7.04 -10.81 22.31
C GLY B 97 -8.08 -10.52 23.38
N LEU B 98 -9.31 -11.00 23.18
CA LEU B 98 -10.35 -10.82 24.19
C LEU B 98 -9.99 -11.52 25.49
N TRP B 99 -9.47 -12.74 25.40
CA TRP B 99 -9.02 -13.43 26.61
C TRP B 99 -7.89 -12.68 27.29
N LEU B 100 -7.04 -12.03 26.50
CA LEU B 100 -5.88 -11.34 27.06
C LEU B 100 -6.29 -10.09 27.83
N ILE B 101 -7.16 -9.25 27.23
CA ILE B 101 -7.58 -8.03 27.90
C ILE B 101 -8.26 -8.36 29.23
N GLU B 102 -9.05 -9.43 29.25
CA GLU B 102 -9.73 -9.81 30.48
C GLU B 102 -8.74 -10.26 31.55
N GLN B 103 -7.73 -11.05 31.18
CA GLN B 103 -6.78 -11.54 32.17
C GLN B 103 -5.82 -10.44 32.61
N VAL B 104 -5.29 -9.67 31.66
CA VAL B 104 -4.26 -8.69 31.98
C VAL B 104 -4.88 -7.49 32.70
N TYR B 105 -5.97 -6.95 32.18
CA TYR B 105 -6.56 -5.74 32.72
C TYR B 105 -7.70 -6.00 33.70
N GLN B 106 -8.03 -7.27 33.95
CA GLN B 106 -9.02 -7.64 34.98
C GLN B 106 -10.33 -6.89 34.78
N THR B 107 -10.92 -7.08 33.60
CA THR B 107 -12.09 -6.32 33.20
C THR B 107 -13.40 -6.89 33.73
N ARG B 108 -13.35 -7.95 34.55
CA ARG B 108 -14.53 -8.54 35.17
C ARG B 108 -15.50 -8.93 34.05
N GLY B 109 -16.77 -8.55 34.12
CA GLY B 109 -17.71 -8.91 33.08
C GLY B 109 -18.02 -7.77 32.13
N ALA B 110 -17.07 -6.84 31.98
CA ALA B 110 -17.28 -5.67 31.14
C ALA B 110 -17.43 -6.04 29.66
N TYR B 111 -16.90 -7.18 29.25
CA TYR B 111 -16.98 -7.59 27.86
C TYR B 111 -18.14 -8.53 27.58
N ASN B 112 -18.96 -8.84 28.57
CA ASN B 112 -20.14 -9.67 28.33
C ASN B 112 -21.09 -8.93 27.38
N VAL B 113 -21.65 -9.68 26.43
CA VAL B 113 -22.52 -9.10 25.40
C VAL B 113 -23.96 -9.46 25.76
N PRO B 114 -24.81 -8.49 26.08
CA PRO B 114 -26.22 -8.78 26.36
C PRO B 114 -27.08 -8.72 25.12
N LEU B 115 -28.14 -9.53 25.15
CA LEU B 115 -29.18 -9.49 24.13
C LEU B 115 -30.51 -9.74 24.85
N ALA B 116 -31.31 -8.68 24.97
CA ALA B 116 -32.53 -8.70 25.76
C ALA B 116 -33.73 -8.53 24.85
N VAL B 117 -34.72 -9.41 25.01
CA VAL B 117 -35.94 -9.38 24.21
C VAL B 117 -37.12 -9.42 25.17
N HIS B 118 -37.95 -8.37 25.13
CA HIS B 118 -39.22 -8.42 25.83
C HIS B 118 -40.18 -9.29 25.05
N VAL B 119 -40.82 -10.23 25.74
CA VAL B 119 -41.77 -11.15 25.13
C VAL B 119 -43.13 -10.93 25.77
N SER B 120 -44.17 -10.88 24.93
CA SER B 120 -45.52 -10.65 25.46
C SER B 120 -46.04 -11.84 26.25
N ASP B 121 -45.52 -13.04 26.01
CA ASP B 121 -45.82 -14.21 26.82
C ASP B 121 -44.64 -14.51 27.74
N ARG B 122 -44.96 -15.04 28.92
CA ARG B 122 -43.95 -15.73 29.71
C ARG B 122 -43.61 -17.02 28.99
N LEU B 123 -42.34 -17.20 28.63
CA LEU B 123 -41.94 -18.37 27.88
C LEU B 123 -41.96 -19.61 28.78
N ASP B 124 -42.12 -20.77 28.16
CA ASP B 124 -42.00 -22.03 28.87
C ASP B 124 -40.52 -22.28 29.17
N LEU B 125 -40.18 -22.32 30.45
CA LEU B 125 -38.77 -22.42 30.83
C LEU B 125 -38.15 -23.73 30.36
N ASP B 126 -38.93 -24.81 30.38
CA ASP B 126 -38.39 -26.10 29.95
C ASP B 126 -38.23 -26.15 28.44
N VAL B 127 -39.16 -25.52 27.71
CA VAL B 127 -39.00 -25.43 26.26
C VAL B 127 -37.82 -24.52 25.93
N LEU B 128 -37.68 -23.42 26.67
CA LEU B 128 -36.55 -22.52 26.45
C LEU B 128 -35.23 -23.24 26.66
N ARG B 129 -35.13 -24.04 27.73
CA ARG B 129 -33.88 -24.75 28.01
C ARG B 129 -33.55 -25.73 26.90
N ALA B 130 -34.55 -26.46 26.40
CA ALA B 130 -34.32 -27.37 25.28
C ALA B 130 -33.91 -26.59 24.02
N ALA B 131 -34.46 -25.40 23.84
CA ALA B 131 -34.10 -24.60 22.66
C ALA B 131 -32.67 -24.08 22.79
N VAL B 132 -32.24 -23.73 23.99
CA VAL B 132 -30.87 -23.28 24.20
C VAL B 132 -29.89 -24.43 23.95
N ARG B 133 -30.25 -25.65 24.36
CA ARG B 133 -29.43 -26.81 24.04
C ARG B 133 -29.30 -26.99 22.54
N ASP B 134 -30.39 -26.85 21.80
CA ASP B 134 -30.33 -26.90 20.35
C ASP B 134 -29.40 -25.82 19.80
N LEU B 135 -29.50 -24.61 20.35
CA LEU B 135 -28.68 -23.51 19.89
C LEU B 135 -27.20 -23.80 20.07
N VAL B 136 -26.82 -24.28 21.26
CA VAL B 136 -25.39 -24.54 21.51
C VAL B 136 -24.92 -25.78 20.77
N ALA B 137 -25.83 -26.74 20.53
CA ALA B 137 -25.48 -27.88 19.69
C ALA B 137 -25.16 -27.42 18.27
N ARG B 138 -25.92 -26.45 17.77
CA ARG B 138 -25.70 -25.96 16.41
C ARG B 138 -24.39 -25.18 16.29
N HIS B 139 -24.08 -24.35 17.28
CA HIS B 139 -22.94 -23.44 17.23
C HIS B 139 -21.87 -23.90 18.21
N GLU B 140 -20.82 -24.52 17.68
CA GLU B 140 -19.74 -25.03 18.52
C GLU B 140 -19.11 -23.94 19.38
N VAL B 141 -19.03 -22.71 18.87
CA VAL B 141 -18.39 -21.64 19.62
C VAL B 141 -19.13 -21.36 20.93
N LEU B 142 -20.43 -21.66 20.97
CA LEU B 142 -21.20 -21.44 22.19
C LEU B 142 -20.97 -22.51 23.25
N ARG B 143 -20.30 -23.61 22.90
CA ARG B 143 -19.98 -24.66 23.86
C ARG B 143 -18.49 -24.97 23.86
N THR B 144 -17.66 -23.97 23.55
CA THR B 144 -16.21 -24.10 23.52
C THR B 144 -15.64 -23.40 24.75
N LEU B 145 -15.08 -24.18 25.67
CA LEU B 145 -14.42 -23.62 26.83
C LEU B 145 -13.06 -23.06 26.45
N VAL B 146 -12.54 -22.18 27.29
CA VAL B 146 -11.21 -21.61 27.13
C VAL B 146 -10.45 -21.83 28.43
N ARG B 147 -9.29 -22.48 28.34
CA ARG B 147 -8.52 -22.81 29.53
C ARG B 147 -7.11 -22.24 29.41
N SER B 148 -6.55 -21.86 30.56
CA SER B 148 -5.22 -21.29 30.60
C SER B 148 -4.16 -22.39 30.62
N SER B 149 -3.15 -22.22 29.77
CA SER B 149 -2.01 -23.13 29.74
C SER B 149 -0.73 -22.29 29.66
N ASP B 150 0.41 -22.97 29.82
CA ASP B 150 1.69 -22.27 29.82
C ASP B 150 1.97 -21.60 28.47
N ASP B 151 1.40 -22.14 27.39
CA ASP B 151 1.54 -21.56 26.06
C ASP B 151 0.45 -20.56 25.74
N GLY B 152 -0.53 -20.37 26.62
CA GLY B 152 -1.62 -19.47 26.37
C GLY B 152 -2.97 -20.17 26.52
N PRO B 153 -4.04 -19.50 26.10
CA PRO B 153 -5.38 -20.09 26.22
C PRO B 153 -5.62 -21.18 25.20
N ASP B 154 -6.21 -22.27 25.65
CA ASP B 154 -6.53 -23.41 24.81
C ASP B 154 -8.04 -23.61 24.75
N PRO B 155 -8.62 -23.83 23.57
CA PRO B 155 -10.04 -24.12 23.49
C PRO B 155 -10.33 -25.58 23.83
N VAL B 156 -11.50 -25.80 24.41
CA VAL B 156 -11.97 -27.14 24.75
C VAL B 156 -13.41 -27.22 24.24
N LEU B 157 -13.61 -27.90 23.12
CA LEU B 157 -14.94 -28.04 22.54
C LEU B 157 -15.69 -29.15 23.28
N LEU B 158 -16.76 -28.77 23.99
CA LEU B 158 -17.60 -29.75 24.65
C LEU B 158 -18.60 -30.33 23.67
N ALA B 159 -18.84 -31.65 23.79
CA ALA B 159 -19.88 -32.27 23.01
C ALA B 159 -21.25 -31.76 23.47
N PRO B 160 -22.25 -31.75 22.59
CA PRO B 160 -23.57 -31.24 22.99
C PRO B 160 -24.13 -31.89 24.25
N GLU B 161 -23.97 -33.20 24.39
CA GLU B 161 -24.44 -33.88 25.60
C GLU B 161 -23.62 -33.54 26.83
N ASP B 162 -22.44 -32.92 26.66
CA ASP B 162 -21.62 -32.49 27.78
C ASP B 162 -21.72 -30.99 28.03
N ALA B 163 -22.36 -30.24 27.15
CA ALA B 163 -22.51 -28.80 27.32
C ALA B 163 -23.67 -28.54 28.27
N ALA B 164 -23.35 -28.26 29.53
CA ALA B 164 -24.37 -27.92 30.52
C ALA B 164 -24.81 -26.48 30.30
N VAL B 165 -26.05 -26.28 29.88
CA VAL B 165 -26.56 -24.95 29.60
C VAL B 165 -27.06 -24.31 30.89
N ASP B 166 -26.90 -23.00 30.99
CA ASP B 166 -27.31 -22.22 32.15
C ASP B 166 -28.55 -21.42 31.73
N VAL B 167 -29.73 -21.95 32.02
CA VAL B 167 -31.01 -21.32 31.72
C VAL B 167 -31.80 -21.25 33.01
N ALA B 168 -32.20 -20.04 33.40
CA ALA B 168 -32.88 -19.85 34.68
C ALA B 168 -33.89 -18.72 34.58
N GLU B 169 -34.93 -18.80 35.40
CA GLU B 169 -35.87 -17.71 35.58
C GLU B 169 -35.42 -16.86 36.75
N VAL B 170 -35.60 -15.55 36.62
CA VAL B 170 -35.24 -14.59 37.66
C VAL B 170 -36.43 -13.69 37.91
N GLN B 171 -36.85 -13.60 39.17
CA GLN B 171 -37.95 -12.73 39.55
C GLN B 171 -37.45 -11.30 39.71
N ALA B 172 -38.06 -10.37 39.00
CA ALA B 172 -37.65 -8.97 39.06
C ALA B 172 -37.98 -8.38 40.42
N ALA B 173 -36.99 -7.78 41.06
CA ALA B 173 -37.17 -7.13 42.37
C ALA B 173 -37.53 -5.66 42.22
N GLY B 174 -36.75 -4.93 41.43
CA GLY B 174 -37.01 -3.52 41.21
C GLY B 174 -37.19 -3.21 39.74
N PRO B 175 -36.50 -2.17 39.25
CA PRO B 175 -36.56 -1.87 37.82
C PRO B 175 -35.89 -2.96 37.00
N VAL B 176 -36.55 -3.34 35.90
CA VAL B 176 -36.05 -4.45 35.09
C VAL B 176 -34.73 -4.08 34.43
N ALA B 177 -34.59 -2.83 33.99
CA ALA B 177 -33.38 -2.41 33.28
C ALA B 177 -32.14 -2.60 34.15
N ASP B 178 -32.22 -2.20 35.42
CA ASP B 178 -31.06 -2.36 36.30
C ASP B 178 -30.77 -3.83 36.56
N LEU B 179 -31.80 -4.66 36.64
CA LEU B 179 -31.59 -6.09 36.80
C LEU B 179 -30.91 -6.69 35.57
N LEU B 180 -31.30 -6.23 34.37
CA LEU B 180 -30.65 -6.69 33.16
C LEU B 180 -29.17 -6.36 33.17
N ALA B 181 -28.81 -5.15 33.63
CA ALA B 181 -27.41 -4.75 33.68
C ALA B 181 -26.63 -5.58 34.68
N GLU B 182 -27.23 -5.84 35.85
CA GLU B 182 -26.54 -6.65 36.86
C GLU B 182 -26.31 -8.07 36.35
N LEU B 183 -27.33 -8.68 35.72
CA LEU B 183 -27.18 -10.02 35.19
C LEU B 183 -26.13 -10.05 34.08
N THR B 184 -26.06 -9.00 33.29
CA THR B 184 -25.07 -8.94 32.20
C THR B 184 -23.65 -8.87 32.75
N ALA B 185 -23.45 -8.19 33.88
CA ALA B 185 -22.12 -7.94 34.40
C ALA B 185 -21.51 -9.15 35.11
N GLN B 186 -22.29 -10.18 35.40
CA GLN B 186 -21.75 -11.34 36.12
C GLN B 186 -20.67 -12.02 35.30
N PRO B 187 -19.45 -12.13 35.81
CA PRO B 187 -18.36 -12.69 34.99
C PRO B 187 -18.54 -14.18 34.74
N PHE B 188 -18.04 -14.61 33.58
CA PHE B 188 -17.98 -16.03 33.25
C PHE B 188 -16.68 -16.63 33.76
N ASP B 189 -16.72 -17.93 34.02
CA ASP B 189 -15.52 -18.73 34.21
C ASP B 189 -15.43 -19.62 32.97
N LEU B 190 -14.73 -19.11 31.95
CA LEU B 190 -14.68 -19.81 30.67
C LEU B 190 -13.96 -21.15 30.76
N ALA B 191 -13.17 -21.37 31.80
CA ALA B 191 -12.51 -22.67 31.97
C ALA B 191 -13.50 -23.76 32.33
N THR B 192 -14.66 -23.41 32.89
CA THR B 192 -15.64 -24.40 33.34
C THR B 192 -17.06 -24.15 32.87
N GLN B 193 -17.38 -22.97 32.34
CA GLN B 193 -18.74 -22.63 31.92
C GLN B 193 -18.74 -22.25 30.44
N ILE B 194 -19.77 -22.71 29.73
CA ILE B 194 -19.93 -22.34 28.33
C ILE B 194 -20.18 -20.84 28.26
N PRO B 195 -19.74 -20.16 27.21
CA PRO B 195 -19.82 -18.69 27.20
C PRO B 195 -21.20 -18.13 26.92
N LEU B 196 -22.26 -18.84 27.31
CA LEU B 196 -23.62 -18.36 27.10
C LEU B 196 -24.45 -18.60 28.35
N ARG B 197 -25.22 -17.57 28.75
CA ARG B 197 -26.12 -17.62 29.88
C ARG B 197 -27.47 -17.09 29.43
N VAL B 198 -28.55 -17.74 29.85
CA VAL B 198 -29.90 -17.36 29.45
C VAL B 198 -30.73 -17.12 30.71
N ARG B 199 -31.40 -15.98 30.76
CA ARG B 199 -32.24 -15.61 31.90
C ARG B 199 -33.59 -15.15 31.39
N MET B 200 -34.65 -15.64 32.01
CA MET B 200 -36.01 -15.18 31.75
C MET B 200 -36.47 -14.37 32.94
N ILE B 201 -36.63 -13.06 32.75
CA ILE B 201 -37.00 -12.16 33.84
C ILE B 201 -38.52 -12.05 33.88
N THR B 202 -39.11 -12.37 35.03
CA THR B 202 -40.55 -12.25 35.24
C THR B 202 -40.79 -11.42 36.50
N GLY B 203 -42.06 -11.14 36.74
CA GLY B 203 -42.49 -10.30 37.85
C GLY B 203 -43.78 -9.59 37.49
N GLU B 204 -44.47 -9.09 38.52
CA GLU B 204 -45.75 -8.43 38.28
C GLU B 204 -45.59 -7.09 37.58
N GLN B 205 -44.43 -6.44 37.71
CA GLN B 205 -44.16 -5.26 36.92
C GLN B 205 -43.77 -5.58 35.48
N VAL B 206 -43.68 -6.86 35.13
CA VAL B 206 -43.28 -7.30 33.80
C VAL B 206 -44.48 -7.94 33.13
N ASP B 207 -44.86 -7.42 31.97
CA ASP B 207 -45.92 -7.99 31.16
C ASP B 207 -45.31 -9.05 30.25
N GLY B 208 -45.58 -10.31 30.55
CA GLY B 208 -44.93 -11.42 29.85
C GLY B 208 -43.59 -11.78 30.50
N CYS B 209 -42.50 -11.57 29.76
CA CYS B 209 -41.18 -11.77 30.32
C CYS B 209 -40.17 -10.99 29.49
N VAL B 210 -38.97 -10.85 30.04
CA VAL B 210 -37.82 -10.35 29.31
C VAL B 210 -36.82 -11.49 29.19
N LEU B 211 -36.54 -11.89 27.96
CA LEU B 211 -35.55 -12.91 27.68
C LEU B 211 -34.19 -12.23 27.50
N LEU B 212 -33.21 -12.62 28.31
CA LEU B 212 -31.89 -12.02 28.28
C LEU B 212 -30.87 -13.09 27.96
N LEU B 213 -30.17 -12.94 26.84
CA LEU B 213 -29.02 -13.76 26.51
C LEU B 213 -27.76 -12.99 26.87
N VAL B 214 -26.89 -13.62 27.66
CA VAL B 214 -25.59 -13.06 28.01
C VAL B 214 -24.54 -13.97 27.43
N CYS B 215 -23.80 -13.47 26.45
CA CYS B 215 -22.67 -14.18 25.87
C CYS B 215 -21.37 -13.54 26.37
N HIS B 216 -20.40 -14.38 26.67
CA HIS B 216 -19.03 -13.87 26.75
C HIS B 216 -18.62 -13.41 25.36
N HIS B 217 -17.91 -12.28 25.29
CA HIS B 217 -17.58 -11.71 24.00
C HIS B 217 -16.77 -12.67 23.13
N ILE B 218 -16.05 -13.60 23.74
CA ILE B 218 -15.26 -14.57 22.99
C ILE B 218 -16.12 -15.45 22.08
N ALA B 219 -17.44 -15.44 22.28
CA ALA B 219 -18.33 -16.33 21.54
C ALA B 219 -19.30 -15.60 20.63
N ALA B 220 -19.42 -14.28 20.72
CA ALA B 220 -20.43 -13.58 19.94
C ALA B 220 -20.12 -12.09 19.88
N ASP B 221 -20.41 -11.48 18.74
CA ASP B 221 -20.38 -10.04 18.58
C ASP B 221 -21.80 -9.53 18.32
N GLU B 222 -21.92 -8.21 18.14
CA GLU B 222 -23.23 -7.60 17.94
C GLU B 222 -23.84 -8.00 16.59
N TRP B 223 -23.03 -8.45 15.64
CA TRP B 223 -23.57 -8.98 14.40
C TRP B 223 -24.12 -10.39 14.55
N SER B 224 -23.92 -11.01 15.71
CA SER B 224 -24.48 -12.33 15.99
C SER B 224 -25.90 -12.26 16.53
N PHE B 225 -26.44 -11.06 16.79
CA PHE B 225 -27.78 -10.96 17.37
C PHE B 225 -28.82 -11.56 16.45
N ALA B 226 -28.75 -11.26 15.15
CA ALA B 226 -29.75 -11.77 14.21
C ALA B 226 -29.73 -13.29 14.11
N PRO B 227 -28.59 -13.96 13.89
CA PRO B 227 -28.64 -15.43 13.86
C PRO B 227 -28.97 -16.04 15.22
N LEU B 228 -28.50 -15.43 16.32
CA LEU B 228 -28.86 -15.93 17.64
C LEU B 228 -30.37 -15.94 17.83
N LEU B 229 -31.03 -14.83 17.50
CA LEU B 229 -32.48 -14.76 17.66
C LEU B 229 -33.19 -15.64 16.66
N ARG B 230 -32.74 -15.64 15.40
CA ARG B 230 -33.33 -16.51 14.38
C ARG B 230 -33.28 -17.97 14.80
N ASP B 231 -32.12 -18.43 15.28
CA ASP B 231 -31.96 -19.84 15.60
C ASP B 231 -32.65 -20.20 16.91
N LEU B 232 -32.58 -19.32 17.91
CA LEU B 232 -33.30 -19.58 19.16
C LEU B 232 -34.80 -19.60 18.92
N ASP B 233 -35.29 -18.73 18.05
CA ASP B 233 -36.70 -18.73 17.69
C ASP B 233 -37.09 -20.03 16.99
N THR B 234 -36.26 -20.48 16.04
CA THR B 234 -36.54 -21.73 15.35
C THR B 234 -36.56 -22.90 16.33
N ALA B 235 -35.59 -22.94 17.26
CA ALA B 235 -35.52 -24.06 18.19
C ALA B 235 -36.64 -24.00 19.21
N TYR B 236 -37.03 -22.80 19.66
CA TYR B 236 -38.10 -22.71 20.64
C TYR B 236 -39.43 -23.15 20.05
N ARG B 237 -39.75 -22.70 18.83
CA ARG B 237 -41.01 -23.07 18.21
C ARG B 237 -41.07 -24.57 17.92
N ALA B 238 -39.96 -25.15 17.46
CA ALA B 238 -39.93 -26.59 17.23
C ALA B 238 -40.09 -27.36 18.52
N ARG B 239 -39.36 -26.95 19.57
CA ARG B 239 -39.46 -27.64 20.85
C ARG B 239 -40.84 -27.45 21.48
N ALA B 240 -41.42 -26.26 21.33
CA ALA B 240 -42.78 -26.05 21.80
C ALA B 240 -43.77 -26.97 21.08
N ALA B 241 -43.47 -27.32 19.83
CA ALA B 241 -44.27 -28.28 19.08
C ALA B 241 -43.83 -29.72 19.32
N GLY B 242 -42.87 -29.94 20.21
CA GLY B 242 -42.46 -31.29 20.56
C GLY B 242 -41.53 -31.95 19.58
N ARG B 243 -40.68 -31.19 18.89
CA ARG B 243 -39.76 -31.76 17.91
C ARG B 243 -38.45 -30.98 17.93
N ALA B 244 -37.43 -31.60 17.36
CA ALA B 244 -36.14 -30.95 17.20
C ALA B 244 -36.18 -29.98 16.01
N PRO B 245 -35.43 -28.88 16.09
CA PRO B 245 -35.41 -27.94 14.97
C PRO B 245 -34.94 -28.60 13.68
N ASP B 246 -35.55 -28.20 12.57
CA ASP B 246 -35.27 -28.77 11.26
C ASP B 246 -34.45 -27.74 10.49
N TRP B 247 -33.14 -27.77 10.68
CA TRP B 247 -32.23 -26.87 9.99
C TRP B 247 -31.07 -27.64 9.39
N GLU B 248 -30.56 -27.14 8.28
CA GLU B 248 -29.37 -27.69 7.66
C GLU B 248 -28.14 -27.27 8.44
N PRO B 249 -27.06 -28.06 8.39
CA PRO B 249 -25.85 -27.71 9.12
C PRO B 249 -25.28 -26.38 8.66
N LEU B 250 -24.48 -25.78 9.53
CA LEU B 250 -23.85 -24.50 9.21
C LEU B 250 -22.87 -24.67 8.06
N PRO B 251 -22.79 -23.68 7.16
CA PRO B 251 -21.73 -23.72 6.13
C PRO B 251 -20.32 -23.71 6.72
N ALA B 252 -20.16 -23.37 8.00
CA ALA B 252 -18.86 -23.39 8.66
C ALA B 252 -19.08 -23.19 10.16
N GLN B 253 -18.20 -23.81 10.95
CA GLN B 253 -18.13 -23.50 12.37
C GLN B 253 -17.07 -22.41 12.59
N TYR B 254 -17.06 -21.84 13.80
CA TYR B 254 -16.13 -20.74 14.06
C TYR B 254 -14.69 -21.20 13.95
N SER B 255 -14.39 -22.42 14.40
CA SER B 255 -13.03 -22.95 14.27
C SER B 255 -12.60 -23.06 12.81
N ASP B 256 -13.54 -23.32 11.90
CA ASP B 256 -13.21 -23.30 10.47
C ASP B 256 -12.74 -21.92 10.05
N TYR B 257 -13.47 -20.87 10.46
CA TYR B 257 -13.05 -19.51 10.15
C TYR B 257 -11.69 -19.20 10.75
N ALA B 258 -11.48 -19.63 12.00
CA ALA B 258 -10.22 -19.31 12.68
C ALA B 258 -9.04 -19.98 12.02
N ALA B 259 -9.19 -21.24 11.61
CA ALA B 259 -8.11 -21.94 10.93
C ALA B 259 -7.76 -21.28 9.61
N THR B 260 -8.77 -20.88 8.84
CA THR B 260 -8.52 -20.19 7.58
C THR B 260 -7.84 -18.84 7.83
N LEU B 261 -8.30 -18.10 8.84
CA LEU B 261 -7.68 -16.82 9.16
C LEU B 261 -6.25 -17.00 9.61
N HIS B 262 -5.98 -18.02 10.41
N HIS B 262 -5.98 -18.00 10.44
CA HIS B 262 -4.61 -18.21 10.93
CA HIS B 262 -4.63 -18.25 10.94
C HIS B 262 -3.65 -18.64 9.82
C HIS B 262 -3.69 -18.60 9.80
N ASP B 263 -4.09 -19.55 8.94
CA ASP B 263 -3.21 -20.00 7.86
C ASP B 263 -2.93 -18.87 6.87
N TRP B 264 -3.93 -18.03 6.60
CA TRP B 264 -3.70 -16.91 5.69
C TRP B 264 -2.86 -15.81 6.32
N LEU B 265 -3.03 -15.58 7.63
CA LEU B 265 -2.29 -14.52 8.29
C LEU B 265 -0.78 -14.76 8.23
N GLY B 266 -0.36 -16.02 8.31
CA GLY B 266 1.05 -16.33 8.34
C GLY B 266 1.66 -15.95 9.68
N GLU B 267 2.99 -15.99 9.71
CA GLU B 267 3.73 -15.71 10.93
C GLU B 267 4.41 -14.35 10.84
N ALA B 268 4.58 -13.72 12.00
CA ALA B 268 5.12 -12.37 12.05
C ALA B 268 6.58 -12.34 11.60
N THR B 269 7.29 -13.46 11.73
CA THR B 269 8.68 -13.54 11.29
C THR B 269 8.82 -13.69 9.78
N ASP B 270 7.74 -14.05 9.08
CA ASP B 270 7.77 -14.17 7.63
C ASP B 270 7.56 -12.79 7.01
N PRO B 271 8.58 -12.21 6.39
CA PRO B 271 8.45 -10.83 5.88
C PRO B 271 7.36 -10.66 4.84
N ALA B 272 6.94 -11.74 4.17
CA ALA B 272 5.90 -11.65 3.15
C ALA B 272 4.50 -11.97 3.67
N SER B 273 4.38 -12.43 4.92
CA SER B 273 3.08 -12.80 5.45
C SER B 273 2.19 -11.57 5.60
N PRO B 274 0.88 -11.73 5.40
CA PRO B 274 -0.03 -10.60 5.64
C PRO B 274 0.08 -10.03 7.05
N LEU B 275 0.33 -10.87 8.04
CA LEU B 275 0.50 -10.39 9.42
C LEU B 275 1.65 -9.39 9.50
N ARG B 276 2.84 -9.79 9.05
CA ARG B 276 4.00 -8.91 9.12
C ARG B 276 3.77 -7.63 8.32
N ARG B 277 3.21 -7.76 7.12
CA ARG B 277 3.03 -6.58 6.28
C ARG B 277 1.98 -5.63 6.86
N GLN B 278 0.94 -6.16 7.49
CA GLN B 278 -0.03 -5.29 8.14
C GLN B 278 0.49 -4.73 9.46
N LEU B 279 1.27 -5.53 10.21
CA LEU B 279 1.92 -5.01 11.40
C LEU B 279 2.88 -3.87 11.05
N ASP B 280 3.61 -4.01 9.93
CA ASP B 280 4.51 -2.96 9.50
C ASP B 280 3.76 -1.69 9.16
N TYR B 281 2.62 -1.82 8.48
CA TYR B 281 1.79 -0.64 8.22
C TYR B 281 1.38 0.03 9.51
N TRP B 282 0.94 -0.76 10.50
CA TRP B 282 0.40 -0.18 11.72
C TRP B 282 1.50 0.44 12.57
N GLN B 283 2.69 -0.19 12.60
CA GLN B 283 3.82 0.42 13.28
C GLN B 283 4.13 1.80 12.72
N HIS B 284 4.09 1.92 11.39
CA HIS B 284 4.31 3.23 10.76
C HIS B 284 3.14 4.17 11.00
N ALA B 285 1.91 3.68 10.84
CA ALA B 285 0.74 4.54 10.92
C ALA B 285 0.50 5.07 12.33
N LEU B 286 0.98 4.38 13.36
CA LEU B 286 0.72 4.78 14.75
C LEU B 286 1.98 5.26 15.45
N GLN B 287 2.93 5.82 14.70
CA GLN B 287 4.15 6.32 15.30
C GLN B 287 3.90 7.65 15.99
N ASP B 288 4.58 7.86 17.13
CA ASP B 288 4.41 9.05 17.95
C ASP B 288 2.94 9.25 18.34
N LEU B 289 2.27 8.15 18.62
CA LEU B 289 0.89 8.21 19.05
C LEU B 289 0.82 8.75 20.49
N PRO B 290 -0.18 9.56 20.80
CA PRO B 290 -0.36 9.99 22.20
C PRO B 290 -0.63 8.79 23.10
N ASP B 291 -0.10 8.86 24.32
CA ASP B 291 -0.46 7.87 25.33
C ASP B 291 -1.94 7.94 25.64
N GLU B 292 -2.49 9.14 25.72
CA GLU B 292 -3.90 9.38 25.97
C GLU B 292 -4.22 10.79 25.51
N LEU B 293 -5.52 11.08 25.44
CA LEU B 293 -5.99 12.41 25.06
C LEU B 293 -6.39 13.19 26.31
N ASP B 294 -6.29 14.51 26.21
CA ASP B 294 -6.70 15.41 27.29
C ASP B 294 -8.21 15.59 27.20
N LEU B 295 -8.94 14.66 27.80
CA LEU B 295 -10.40 14.65 27.80
C LEU B 295 -10.94 15.47 28.96
N PRO B 296 -12.18 15.96 28.87
CA PRO B 296 -12.79 16.71 29.98
C PRO B 296 -13.48 15.79 30.99
N THR B 297 -12.68 15.21 31.87
CA THR B 297 -13.17 14.25 32.85
C THR B 297 -13.57 14.94 34.14
N ASP B 298 -14.39 14.24 34.93
CA ASP B 298 -14.72 14.71 36.27
C ASP B 298 -13.66 14.33 37.30
N ARG B 299 -12.90 13.27 37.04
CA ARG B 299 -11.85 12.81 37.93
C ARG B 299 -10.65 12.43 37.08
N PRO B 300 -9.44 12.60 37.60
CA PRO B 300 -8.26 12.12 36.88
C PRO B 300 -8.24 10.60 36.85
N ARG B 301 -7.48 10.06 35.90
CA ARG B 301 -7.38 8.62 35.75
C ARG B 301 -6.83 8.00 37.04
N PRO B 302 -7.56 7.08 37.67
CA PRO B 302 -7.04 6.42 38.87
C PRO B 302 -5.88 5.50 38.54
N ALA B 303 -5.21 5.03 39.60
CA ALA B 303 -4.13 4.07 39.41
C ALA B 303 -4.66 2.69 39.06
N THR B 304 -5.91 2.39 39.42
CA THR B 304 -6.54 1.11 39.16
C THR B 304 -7.89 1.33 38.49
N ALA B 305 -8.14 0.62 37.40
CA ALA B 305 -9.43 0.71 36.73
C ALA B 305 -10.45 -0.18 37.44
N SER B 306 -11.57 0.40 37.84
CA SER B 306 -12.66 -0.38 38.39
C SER B 306 -13.53 -1.01 37.31
N HIS B 307 -13.47 -0.49 36.09
CA HIS B 307 -14.32 -0.92 34.97
C HIS B 307 -15.80 -0.79 35.29
N ARG B 308 -16.15 -0.02 36.32
CA ARG B 308 -17.54 0.36 36.50
C ARG B 308 -17.91 1.39 35.45
N GLY B 309 -19.17 1.34 35.00
CA GLY B 309 -19.59 2.25 33.96
C GLY B 309 -21.08 2.52 34.01
N GLY B 310 -21.49 3.49 33.20
CA GLY B 310 -22.88 3.76 32.97
C GLY B 310 -23.16 3.87 31.48
N LEU B 311 -24.43 4.12 31.16
CA LEU B 311 -24.85 4.22 29.78
C LEU B 311 -25.75 5.42 29.62
N ALA B 312 -25.28 6.42 28.88
CA ALA B 312 -26.04 7.61 28.57
C ALA B 312 -26.49 7.55 27.12
N ARG B 313 -27.78 7.74 26.88
CA ARG B 313 -28.33 7.65 25.54
C ARG B 313 -28.80 9.02 25.08
N ALA B 314 -28.61 9.30 23.79
CA ALA B 314 -29.13 10.50 23.15
C ALA B 314 -30.08 10.04 22.05
N GLU B 315 -31.36 10.32 22.23
CA GLU B 315 -32.33 9.98 21.21
C GLU B 315 -32.12 10.83 19.97
N LEU B 316 -32.32 10.23 18.81
CA LEU B 316 -32.18 10.92 17.54
C LEU B 316 -33.52 11.04 16.86
N PRO B 317 -33.97 12.24 16.50
CA PRO B 317 -35.18 12.36 15.70
C PRO B 317 -35.02 11.64 14.38
N PRO B 318 -36.08 11.00 13.88
CA PRO B 318 -36.01 10.37 12.55
C PRO B 318 -35.52 11.30 11.47
N GLU B 319 -35.86 12.59 11.55
CA GLU B 319 -35.39 13.56 10.58
C GLU B 319 -33.87 13.68 10.61
N LEU B 320 -33.27 13.58 11.80
CA LEU B 320 -31.82 13.69 11.91
C LEU B 320 -31.14 12.44 11.38
N VAL B 321 -31.70 11.26 11.66
CA VAL B 321 -31.16 10.02 11.12
C VAL B 321 -31.12 10.08 9.59
N GLU B 322 -32.21 10.57 8.98
CA GLU B 322 -32.23 10.71 7.52
C GLU B 322 -31.21 11.74 7.06
N ALA B 323 -31.06 12.84 7.79
CA ALA B 323 -30.09 13.86 7.42
C ALA B 323 -28.66 13.31 7.49
N VAL B 324 -28.37 12.49 8.49
CA VAL B 324 -27.06 11.85 8.57
C VAL B 324 -26.87 10.91 7.38
N ARG B 325 -27.90 10.12 7.05
CA ARG B 325 -27.84 9.25 5.88
C ARG B 325 -27.58 10.06 4.61
N ARG B 326 -28.36 11.13 4.40
CA ARG B 326 -28.18 11.94 3.20
C ARG B 326 -26.80 12.57 3.16
N LEU B 327 -26.32 13.08 4.30
CA LEU B 327 -24.98 13.66 4.35
C LEU B 327 -23.91 12.63 3.99
N ALA B 328 -24.07 11.40 4.48
CA ALA B 328 -23.12 10.33 4.16
C ALA B 328 -23.12 10.05 2.66
N ALA B 329 -24.31 9.86 2.08
CA ALA B 329 -24.40 9.56 0.65
C ALA B 329 -23.90 10.71 -0.20
N GLN B 330 -24.18 11.95 0.21
CA GLN B 330 -23.76 13.11 -0.58
C GLN B 330 -22.26 13.28 -0.63
N HIS B 331 -21.56 12.85 0.42
CA HIS B 331 -20.10 12.95 0.46
C HIS B 331 -19.42 11.61 0.21
N GLY B 332 -20.17 10.57 -0.15
CA GLY B 332 -19.57 9.29 -0.44
C GLY B 332 -18.83 8.68 0.73
N VAL B 333 -19.41 8.73 1.93
CA VAL B 333 -18.88 8.08 3.10
C VAL B 333 -20.00 7.26 3.73
N THR B 334 -19.62 6.41 4.68
CA THR B 334 -20.60 5.65 5.43
C THR B 334 -21.13 6.47 6.59
N VAL B 335 -22.26 6.05 7.14
CA VAL B 335 -22.80 6.69 8.34
C VAL B 335 -21.78 6.63 9.47
N PHE B 336 -21.08 5.51 9.60
CA PHE B 336 -20.03 5.40 10.62
C PHE B 336 -18.97 6.48 10.46
N MET B 337 -18.54 6.75 9.23
CA MET B 337 -17.52 7.76 9.00
C MET B 337 -18.00 9.14 9.43
N VAL B 338 -19.30 9.42 9.25
CA VAL B 338 -19.86 10.68 9.74
C VAL B 338 -19.80 10.72 11.26
N VAL B 339 -20.23 9.65 11.91
CA VAL B 339 -20.21 9.59 13.38
C VAL B 339 -18.77 9.67 13.88
N GLN B 340 -17.85 9.01 13.19
CA GLN B 340 -16.44 9.06 13.59
C GLN B 340 -15.90 10.48 13.51
N ALA B 341 -16.19 11.18 12.40
CA ALA B 341 -15.73 12.56 12.26
C ALA B 341 -16.38 13.44 13.32
N ALA B 342 -17.66 13.18 13.63
CA ALA B 342 -18.34 13.96 14.66
C ALA B 342 -17.70 13.75 16.04
N VAL B 343 -17.35 12.50 16.38
CA VAL B 343 -16.68 12.25 17.65
C VAL B 343 -15.33 12.94 17.68
N ALA B 344 -14.57 12.87 16.58
CA ALA B 344 -13.29 13.55 16.52
C ALA B 344 -13.45 15.05 16.69
N VAL B 345 -14.49 15.64 16.09
CA VAL B 345 -14.75 17.06 16.28
C VAL B 345 -15.05 17.36 17.74
N LEU B 346 -15.88 16.52 18.36
CA LEU B 346 -16.26 16.75 19.76
C LEU B 346 -15.06 16.73 20.68
N LEU B 347 -14.21 15.70 20.55
CA LEU B 347 -13.03 15.61 21.40
C LEU B 347 -12.07 16.76 21.10
N HIS B 348 -11.97 17.15 19.83
CA HIS B 348 -11.10 18.26 19.45
C HIS B 348 -11.55 19.56 20.11
N ARG B 349 -12.84 19.87 20.02
CA ARG B 349 -13.35 21.09 20.62
C ARG B 349 -13.27 21.08 22.14
N LEU B 350 -13.12 19.91 22.74
CA LEU B 350 -12.97 19.78 24.19
C LEU B 350 -11.51 19.80 24.62
N GLY B 351 -10.59 20.06 23.70
CA GLY B 351 -9.19 20.22 24.04
C GLY B 351 -8.31 19.01 23.87
N ALA B 352 -8.73 18.00 23.10
CA ALA B 352 -7.92 16.81 22.90
C ALA B 352 -6.81 17.01 21.88
N GLY B 353 -6.82 18.12 21.14
CA GLY B 353 -5.79 18.38 20.16
C GLY B 353 -6.20 17.99 18.76
N ASP B 354 -5.21 17.97 17.88
CA ASP B 354 -5.41 17.71 16.46
C ASP B 354 -5.19 16.26 16.06
N ASP B 355 -4.60 15.45 16.94
CA ASP B 355 -4.27 14.05 16.66
C ASP B 355 -5.22 13.19 17.49
N ILE B 356 -6.27 12.69 16.85
CA ILE B 356 -7.34 11.97 17.55
C ILE B 356 -7.34 10.49 17.15
N PRO B 357 -6.77 9.61 17.97
CA PRO B 357 -6.86 8.17 17.69
C PRO B 357 -8.15 7.62 18.27
N LEU B 358 -9.00 7.08 17.40
CA LEU B 358 -10.28 6.51 17.81
C LEU B 358 -10.26 5.02 17.51
N GLY B 359 -10.50 4.21 18.53
CA GLY B 359 -10.67 2.78 18.30
C GLY B 359 -12.00 2.48 17.66
N SER B 360 -12.02 1.43 16.84
CA SER B 360 -13.26 1.09 16.19
C SER B 360 -13.27 -0.39 15.82
N PRO B 361 -14.37 -1.08 16.06
CA PRO B 361 -14.45 -2.49 15.65
C PRO B 361 -14.68 -2.61 14.15
N VAL B 362 -14.07 -3.63 13.56
CA VAL B 362 -14.26 -3.94 12.16
C VAL B 362 -14.59 -5.43 12.06
N ALA B 363 -15.71 -5.73 11.40
CA ALA B 363 -16.21 -7.10 11.29
C ALA B 363 -15.54 -7.81 10.14
N ASP B 364 -14.99 -8.99 10.42
CA ASP B 364 -14.37 -9.82 9.38
C ASP B 364 -15.37 -10.90 8.94
N ARG B 365 -16.42 -10.42 8.27
CA ARG B 365 -17.56 -11.26 7.91
C ARG B 365 -17.85 -11.25 6.41
N ALA B 366 -16.88 -10.86 5.58
CA ALA B 366 -17.14 -10.80 4.14
C ALA B 366 -17.37 -12.17 3.54
N ASP B 367 -16.74 -13.20 4.10
CA ASP B 367 -16.92 -14.56 3.60
C ASP B 367 -18.36 -15.01 3.82
N GLU B 368 -18.97 -15.55 2.76
CA GLU B 368 -20.37 -15.96 2.84
C GLU B 368 -20.60 -17.07 3.86
N ALA B 369 -19.57 -17.85 4.18
CA ALA B 369 -19.72 -18.93 5.16
C ALA B 369 -19.88 -18.42 6.58
N VAL B 370 -19.47 -17.18 6.85
CA VAL B 370 -19.58 -16.59 8.19
C VAL B 370 -20.37 -15.30 8.20
N HIS B 371 -20.86 -14.84 7.04
CA HIS B 371 -21.50 -13.54 6.94
C HIS B 371 -22.68 -13.40 7.89
N ASP B 372 -23.39 -14.50 8.17
CA ASP B 372 -24.61 -14.45 8.96
C ASP B 372 -24.59 -15.46 10.10
N THR B 373 -23.42 -15.76 10.66
CA THR B 373 -23.30 -16.79 11.68
C THR B 373 -22.98 -16.17 13.05
N VAL B 374 -22.94 -17.04 14.06
CA VAL B 374 -22.68 -16.64 15.43
C VAL B 374 -21.19 -16.74 15.73
N GLY B 375 -20.62 -15.68 16.27
CA GLY B 375 -19.23 -15.70 16.67
C GLY B 375 -18.69 -14.30 16.83
N PHE B 376 -17.43 -14.24 17.27
CA PHE B 376 -16.72 -12.97 17.46
C PHE B 376 -15.80 -12.75 16.26
N PHE B 377 -16.24 -11.90 15.33
CA PHE B 377 -15.48 -11.60 14.13
C PHE B 377 -14.94 -10.17 14.13
N LEU B 378 -14.85 -9.55 15.29
CA LEU B 378 -14.48 -8.14 15.40
C LEU B 378 -13.00 -8.01 15.70
N ASN B 379 -12.27 -7.40 14.77
CA ASN B 379 -10.96 -6.86 15.11
C ASN B 379 -11.13 -5.39 15.50
N THR B 380 -10.15 -4.87 16.22
CA THR B 380 -10.16 -3.50 16.69
C THR B 380 -9.07 -2.72 15.96
N LEU B 381 -9.44 -1.63 15.31
CA LEU B 381 -8.52 -0.79 14.57
C LEU B 381 -8.40 0.57 15.23
N VAL B 382 -7.20 1.13 15.22
CA VAL B 382 -6.97 2.49 15.68
C VAL B 382 -7.09 3.40 14.46
N LEU B 383 -8.18 4.15 14.39
CA LEU B 383 -8.41 5.10 13.29
C LEU B 383 -7.92 6.47 13.74
N ARG B 384 -6.76 6.86 13.21
CA ARG B 384 -6.06 8.05 13.67
C ARG B 384 -6.45 9.23 12.79
N VAL B 385 -7.30 10.12 13.32
CA VAL B 385 -7.83 11.25 12.59
C VAL B 385 -6.99 12.48 12.92
N ASN B 386 -6.62 13.25 11.90
CA ASN B 386 -5.92 14.51 12.07
C ASN B 386 -6.87 15.65 11.75
N LEU B 387 -6.94 16.64 12.66
CA LEU B 387 -7.85 17.77 12.50
C LEU B 387 -7.09 19.09 12.38
N SER B 388 -5.81 19.05 12.05
CA SER B 388 -5.02 20.26 11.90
C SER B 388 -5.39 20.99 10.62
N GLY B 389 -5.11 22.29 10.60
CA GLY B 389 -5.36 23.09 9.41
C GLY B 389 -6.75 23.66 9.29
N ASN B 390 -7.52 23.68 10.37
CA ASN B 390 -8.87 24.22 10.37
C ASN B 390 -9.73 23.67 9.24
N PRO B 391 -9.97 22.35 9.21
CA PRO B 391 -10.78 21.79 8.13
C PRO B 391 -12.26 22.02 8.37
N THR B 392 -13.00 22.09 7.26
CA THR B 392 -14.45 22.02 7.37
C THR B 392 -14.87 20.59 7.64
N PHE B 393 -16.13 20.41 8.03
CA PHE B 393 -16.62 19.06 8.25
C PHE B 393 -16.59 18.24 6.96
N ALA B 394 -16.87 18.88 5.83
CA ALA B 394 -16.74 18.21 4.54
C ALA B 394 -15.29 17.79 4.29
N ASP B 395 -14.33 18.68 4.62
CA ASP B 395 -12.93 18.31 4.54
C ASP B 395 -12.61 17.12 5.44
N LEU B 396 -13.13 17.13 6.67
CA LEU B 396 -12.85 16.05 7.60
C LEU B 396 -13.43 14.73 7.12
N LEU B 397 -14.58 14.76 6.46
CA LEU B 397 -15.16 13.54 5.93
C LEU B 397 -14.25 12.91 4.88
N ASP B 398 -13.57 13.72 4.09
CA ASP B 398 -12.61 13.20 3.12
C ASP B 398 -11.37 12.64 3.83
N ARG B 399 -10.88 13.36 4.84
CA ARG B 399 -9.76 12.85 5.62
C ARG B 399 -10.10 11.53 6.31
N VAL B 400 -11.28 11.46 6.92
CA VAL B 400 -11.69 10.24 7.61
C VAL B 400 -11.83 9.09 6.63
N ARG B 401 -12.38 9.37 5.44
CA ARG B 401 -12.50 8.31 4.43
C ARG B 401 -11.14 7.76 4.04
N ALA B 402 -10.17 8.65 3.82
CA ALA B 402 -8.83 8.19 3.45
C ALA B 402 -8.19 7.39 4.57
N VAL B 403 -8.30 7.87 5.81
CA VAL B 403 -7.74 7.14 6.95
C VAL B 403 -8.41 5.78 7.09
N ASP B 404 -9.74 5.74 6.94
CA ASP B 404 -10.48 4.50 7.15
C ASP B 404 -10.15 3.48 6.06
N LEU B 405 -10.19 3.90 4.79
CA LEU B 405 -9.93 2.97 3.70
C LEU B 405 -8.51 2.43 3.77
N GLU B 406 -7.55 3.29 4.11
CA GLU B 406 -6.19 2.82 4.34
C GLU B 406 -6.15 1.80 5.48
N ALA B 407 -6.89 2.06 6.56
CA ALA B 407 -6.88 1.15 7.70
C ALA B 407 -7.63 -0.14 7.38
N PHE B 408 -8.76 -0.04 6.67
CA PHE B 408 -9.54 -1.23 6.34
C PHE B 408 -8.75 -2.22 5.49
N ALA B 409 -7.75 -1.76 4.76
CA ALA B 409 -6.91 -2.66 3.96
C ALA B 409 -5.89 -3.42 4.80
N ARG B 410 -5.78 -3.11 6.09
CA ARG B 410 -4.91 -3.82 7.02
C ARG B 410 -5.69 -4.17 8.29
N ALA B 411 -6.90 -4.68 8.10
CA ALA B 411 -7.81 -4.95 9.21
C ALA B 411 -7.69 -6.36 9.78
N ASP B 412 -6.74 -7.17 9.29
CA ASP B 412 -6.61 -8.54 9.75
C ASP B 412 -5.57 -8.71 10.85
N ALA B 413 -4.57 -7.85 10.91
CA ALA B 413 -3.57 -7.92 11.97
C ALA B 413 -4.25 -7.77 13.32
N PRO B 414 -4.14 -8.76 14.22
CA PRO B 414 -4.87 -8.69 15.48
C PRO B 414 -4.41 -7.49 16.31
N PHE B 415 -5.39 -6.84 16.95
CA PHE B 415 -5.09 -5.63 17.71
C PHE B 415 -4.04 -5.86 18.79
N ASP B 416 -4.00 -7.06 19.38
CA ASP B 416 -2.99 -7.32 20.41
C ASP B 416 -1.59 -7.38 19.81
N ALA B 417 -1.47 -7.89 18.58
CA ALA B 417 -0.19 -7.85 17.89
C ALA B 417 0.19 -6.43 17.51
N VAL B 418 -0.80 -5.59 17.19
CA VAL B 418 -0.51 -4.19 16.88
C VAL B 418 0.00 -3.47 18.12
N VAL B 419 -0.62 -3.70 19.28
CA VAL B 419 -0.15 -3.10 20.53
C VAL B 419 1.26 -3.58 20.85
N ASP B 420 1.51 -4.89 20.69
CA ASP B 420 2.84 -5.42 20.93
C ASP B 420 3.87 -4.78 20.00
N THR B 421 3.50 -4.58 18.73
CA THR B 421 4.43 -3.96 17.79
C THR B 421 4.65 -2.49 18.12
N VAL B 422 3.57 -1.74 18.36
CA VAL B 422 3.68 -0.31 18.61
C VAL B 422 4.40 -0.04 19.93
N LYS B 423 4.25 -0.94 20.92
CA LYS B 423 4.90 -0.85 22.22
C LYS B 423 4.58 0.46 22.93
N PRO B 424 3.33 0.75 23.25
CA PRO B 424 3.01 1.97 23.99
C PRO B 424 3.31 1.78 25.47
N PRO B 425 3.50 2.87 26.22
CA PRO B 425 3.61 2.74 27.67
C PRO B 425 2.33 2.20 28.27
N ARG B 426 2.46 1.14 29.07
CA ARG B 426 1.30 0.41 29.57
C ARG B 426 0.92 0.87 30.97
N ALA B 427 -0.38 0.91 31.22
CA ALA B 427 -0.93 1.18 32.54
C ALA B 427 -2.25 0.43 32.65
N VAL B 428 -2.47 -0.21 33.80
CA VAL B 428 -3.65 -1.06 33.96
C VAL B 428 -4.94 -0.25 33.93
N SER B 429 -4.86 1.05 34.18
CA SER B 429 -6.05 1.91 34.22
C SER B 429 -6.31 2.61 32.90
N ARG B 430 -5.54 2.29 31.86
CA ARG B 430 -5.67 2.95 30.57
C ARG B 430 -5.59 1.93 29.45
N HIS B 431 -6.59 1.91 28.59
CA HIS B 431 -6.54 1.03 27.43
C HIS B 431 -5.46 1.52 26.47
N PRO B 432 -4.63 0.61 25.94
CA PRO B 432 -3.51 1.04 25.09
C PRO B 432 -3.98 1.54 23.73
N LEU B 433 -3.23 2.54 23.22
CA LEU B 433 -3.36 3.11 21.88
C LEU B 433 -4.60 3.99 21.72
N PHE B 434 -5.72 3.58 22.29
CA PHE B 434 -6.92 4.42 22.26
C PHE B 434 -7.70 4.20 23.54
N GLN B 435 -8.49 5.21 23.92
CA GLN B 435 -9.40 5.12 25.05
C GLN B 435 -10.80 5.58 24.72
N THR B 436 -11.04 6.08 23.50
CA THR B 436 -12.38 6.37 23.02
C THR B 436 -12.65 5.50 21.81
N MET B 437 -13.75 4.75 21.85
CA MET B 437 -14.16 3.91 20.74
C MET B 437 -15.44 4.49 20.12
N VAL B 438 -15.54 4.41 18.80
CA VAL B 438 -16.74 4.80 18.07
C VAL B 438 -17.12 3.66 17.13
N SER B 439 -18.42 3.38 17.04
CA SER B 439 -18.90 2.32 16.16
C SER B 439 -20.30 2.67 15.66
N TYR B 440 -20.67 2.04 14.55
CA TYR B 440 -22.03 2.05 14.05
C TYR B 440 -22.60 0.65 14.17
N GLN B 441 -23.80 0.55 14.71
CA GLN B 441 -24.46 -0.74 14.88
C GLN B 441 -25.88 -0.64 14.37
N ARG B 442 -26.38 -1.75 13.84
CA ARG B 442 -27.75 -1.86 13.35
C ARG B 442 -28.35 -3.13 13.92
N ARG B 443 -29.37 -2.99 14.76
CA ARG B 443 -30.01 -4.13 15.38
C ARG B 443 -30.83 -4.91 14.34
N PRO B 444 -31.13 -6.18 14.62
CA PRO B 444 -31.87 -6.99 13.64
C PRO B 444 -33.26 -6.43 13.37
N SER B 445 -33.67 -6.53 12.11
CA SER B 445 -35.04 -6.23 11.71
C SER B 445 -35.88 -7.50 11.79
N ASP B 446 -37.19 -7.29 11.86
CA ASP B 446 -38.17 -8.38 11.85
C ASP B 446 -37.95 -9.35 13.01
N VAL B 447 -37.75 -8.78 14.20
CA VAL B 447 -37.66 -9.56 15.42
C VAL B 447 -38.84 -9.20 16.31
N ASP B 448 -39.95 -8.84 15.68
CA ASP B 448 -41.13 -8.37 16.40
C ASP B 448 -42.12 -9.47 16.73
N ARG B 449 -41.97 -10.66 16.16
CA ARG B 449 -42.93 -11.73 16.36
C ARG B 449 -42.23 -13.05 16.67
N LEU B 450 -41.18 -13.00 17.48
CA LEU B 450 -40.44 -14.19 17.84
C LEU B 450 -41.19 -15.01 18.87
N PHE B 451 -40.91 -16.32 18.90
CA PHE B 451 -41.45 -17.27 19.86
C PHE B 451 -42.98 -17.33 19.82
N GLY B 452 -43.58 -16.97 18.70
CA GLY B 452 -45.04 -16.98 18.61
C GLY B 452 -45.72 -15.94 19.46
N ALA B 453 -44.99 -14.95 19.93
CA ALA B 453 -45.53 -13.85 20.73
C ALA B 453 -45.19 -12.53 20.04
N ALA B 454 -45.43 -11.44 20.75
CA ALA B 454 -45.02 -10.10 20.31
C ALA B 454 -43.73 -9.74 21.04
N THR B 455 -42.69 -9.44 20.28
CA THR B 455 -41.36 -9.28 20.85
C THR B 455 -40.77 -7.93 20.45
N ARG B 456 -39.84 -7.46 21.27
CA ARG B 456 -39.19 -6.17 21.06
C ARG B 456 -37.82 -6.23 21.73
N LEU B 457 -36.80 -5.77 21.02
CA LEU B 457 -35.47 -5.70 21.61
C LEU B 457 -35.44 -4.66 22.72
N VAL B 458 -34.69 -4.97 23.78
CA VAL B 458 -34.56 -4.08 24.93
C VAL B 458 -33.08 -3.78 25.12
N GLU B 459 -32.74 -2.50 25.17
CA GLU B 459 -31.35 -2.11 25.36
C GLU B 459 -31.00 -2.11 26.84
N VAL B 460 -29.79 -2.56 27.16
CA VAL B 460 -29.37 -2.84 28.53
C VAL B 460 -28.48 -1.71 29.00
N PRO B 461 -28.82 -1.04 30.12
CA PRO B 461 -27.96 0.04 30.62
C PRO B 461 -26.76 -0.49 31.40
N LEU B 462 -25.65 -0.73 30.70
CA LEU B 462 -24.50 -1.42 31.26
C LEU B 462 -24.00 -0.78 32.56
N ASP B 463 -23.61 -1.63 33.51
CA ASP B 463 -22.97 -1.22 34.75
C ASP B 463 -21.45 -1.18 34.62
N THR B 464 -20.91 -1.52 33.45
CA THR B 464 -19.48 -1.64 33.23
C THR B 464 -19.06 -0.75 32.07
N ALA B 465 -17.74 -0.58 31.93
CA ALA B 465 -17.16 0.15 30.82
C ALA B 465 -15.84 -0.49 30.44
N LYS B 466 -15.55 -0.50 29.15
CA LYS B 466 -14.29 -1.09 28.66
C LYS B 466 -13.19 -0.05 28.52
N PHE B 467 -13.55 1.17 28.11
CA PHE B 467 -12.57 2.22 27.87
C PHE B 467 -12.97 3.47 28.63
N ASP B 468 -12.36 4.61 28.31
CA ASP B 468 -12.83 5.87 28.87
C ASP B 468 -14.20 6.22 28.32
N LEU B 469 -14.33 6.22 27.00
CA LEU B 469 -15.58 6.57 26.33
C LEU B 469 -15.82 5.60 25.18
N GLU B 470 -17.08 5.19 25.02
CA GLU B 470 -17.46 4.36 23.87
C GLU B 470 -18.77 4.90 23.31
N PHE B 471 -18.70 5.51 22.12
CA PHE B 471 -19.87 6.01 21.42
C PHE B 471 -20.35 4.98 20.41
N ALA B 472 -21.66 4.76 20.36
CA ALA B 472 -22.26 3.84 19.41
C ALA B 472 -23.47 4.52 18.78
N PHE B 473 -23.43 4.68 17.46
CA PHE B 473 -24.61 5.06 16.69
C PHE B 473 -25.38 3.77 16.40
N ILE B 474 -26.54 3.60 17.04
CA ILE B 474 -27.27 2.35 17.04
C ILE B 474 -28.62 2.57 16.37
N GLU B 475 -28.85 1.89 15.24
CA GLU B 475 -30.16 1.84 14.61
C GLU B 475 -30.92 0.64 15.13
N ASP B 476 -32.20 0.84 15.48
CA ASP B 476 -32.97 -0.18 16.17
C ASP B 476 -33.51 -1.26 15.24
N GLY B 477 -33.35 -1.11 13.93
CA GLY B 477 -33.87 -2.08 12.98
C GLY B 477 -35.25 -1.77 12.44
N HIS B 478 -35.94 -0.77 13.00
CA HIS B 478 -37.24 -0.32 12.50
C HIS B 478 -37.26 1.19 12.39
N GLY B 479 -36.29 1.74 11.67
CA GLY B 479 -36.22 3.17 11.41
C GLY B 479 -35.49 4.03 12.43
N GLY B 480 -35.80 3.85 13.70
CA GLY B 480 -35.24 4.70 14.74
C GLY B 480 -33.76 4.45 14.98
N ALA B 481 -33.16 5.38 15.71
CA ALA B 481 -31.75 5.29 16.05
C ALA B 481 -31.45 6.18 17.25
N HIS B 482 -30.37 5.85 17.96
CA HIS B 482 -29.93 6.64 19.09
C HIS B 482 -28.41 6.50 19.21
N ILE B 483 -27.81 7.44 19.93
CA ILE B 483 -26.40 7.35 20.29
C ILE B 483 -26.30 6.84 21.71
N ALA B 484 -25.49 5.81 21.91
CA ALA B 484 -25.22 5.26 23.23
C ALA B 484 -23.78 5.58 23.61
N LEU B 485 -23.60 6.09 24.82
CA LEU B 485 -22.27 6.39 25.35
C LEU B 485 -22.06 5.51 26.57
N ASN B 486 -21.20 4.50 26.44
CA ASN B 486 -20.76 3.69 27.56
C ASN B 486 -19.48 4.32 28.10
N TYR B 487 -19.57 4.91 29.29
CA TYR B 487 -18.50 5.73 29.85
C TYR B 487 -17.93 5.08 31.11
N ALA B 488 -16.65 5.33 31.35
CA ALA B 488 -16.00 4.88 32.58
C ALA B 488 -16.45 5.76 33.75
N ALA B 489 -17.08 5.14 34.75
CA ALA B 489 -17.53 5.86 35.93
C ALA B 489 -16.38 6.41 36.76
N ASP B 490 -15.19 5.80 36.68
CA ASP B 490 -14.03 6.35 37.38
C ASP B 490 -13.71 7.75 36.89
N LEU B 491 -14.04 8.06 35.63
CA LEU B 491 -13.67 9.32 35.00
C LEU B 491 -14.83 10.30 34.89
N PHE B 492 -16.04 9.83 34.64
CA PHE B 492 -17.16 10.69 34.31
C PHE B 492 -18.35 10.43 35.22
N ASP B 493 -18.99 11.50 35.65
CA ASP B 493 -20.30 11.42 36.26
C ASP B 493 -21.35 11.18 35.17
N HIS B 494 -22.50 10.65 35.58
CA HIS B 494 -23.54 10.32 34.62
C HIS B 494 -24.05 11.57 33.89
N ASP B 495 -24.24 12.67 34.63
CA ASP B 495 -24.74 13.87 33.98
C ASP B 495 -23.72 14.43 32.99
N SER B 496 -22.42 14.32 33.31
CA SER B 496 -21.39 14.69 32.34
C SER B 496 -21.51 13.86 31.08
N ALA B 497 -21.82 12.57 31.22
CA ALA B 497 -21.94 11.71 30.06
C ALA B 497 -23.17 12.07 29.23
N GLU B 498 -24.28 12.40 29.90
CA GLU B 498 -25.48 12.81 29.17
C GLU B 498 -25.22 14.07 28.36
N GLN B 499 -24.44 15.01 28.90
CA GLN B 499 -24.10 16.19 28.12
C GLN B 499 -23.12 15.84 27.00
N LEU B 500 -22.15 14.98 27.28
CA LEU B 500 -21.21 14.56 26.23
C LEU B 500 -21.95 13.96 25.04
N VAL B 501 -22.91 13.07 25.32
CA VAL B 501 -23.62 12.42 24.22
C VAL B 501 -24.59 13.40 23.56
N ALA B 502 -25.13 14.36 24.30
CA ALA B 502 -25.97 15.38 23.69
C ALA B 502 -25.13 16.31 22.82
N ARG B 503 -23.90 16.61 23.24
CA ARG B 503 -23.01 17.43 22.42
C ARG B 503 -22.65 16.73 21.12
N LEU B 504 -22.53 15.39 21.15
CA LEU B 504 -22.27 14.66 19.92
C LEU B 504 -23.44 14.81 18.95
N ARG B 505 -24.68 14.72 19.46
CA ARG B 505 -25.84 14.96 18.62
C ARG B 505 -25.81 16.36 18.03
N THR B 506 -25.42 17.35 18.84
CA THR B 506 -25.34 18.72 18.35
C THR B 506 -24.31 18.85 17.22
N VAL B 507 -23.15 18.21 17.39
CA VAL B 507 -22.15 18.22 16.33
C VAL B 507 -22.71 17.60 15.06
N LEU B 508 -23.46 16.50 15.18
CA LEU B 508 -24.06 15.88 14.02
C LEU B 508 -25.09 16.80 13.37
N GLU B 509 -25.91 17.46 14.17
CA GLU B 509 -26.92 18.37 13.63
C GLU B 509 -26.27 19.54 12.91
N HIS B 510 -25.23 20.12 13.51
CA HIS B 510 -24.51 21.20 12.83
C HIS B 510 -23.86 20.70 11.54
N ALA B 511 -23.36 19.46 11.57
CA ALA B 511 -22.71 18.91 10.38
C ALA B 511 -23.68 18.75 9.23
N CYS B 512 -24.91 18.32 9.52
CA CYS B 512 -25.89 18.13 8.45
C CYS B 512 -26.41 19.45 7.93
N ALA B 513 -26.58 20.44 8.81
CA ALA B 513 -27.09 21.74 8.39
C ALA B 513 -26.11 22.44 7.44
N ASP B 514 -24.83 22.43 7.80
CA ASP B 514 -23.81 23.10 6.99
C ASP B 514 -22.50 22.35 7.15
N PRO B 515 -22.23 21.37 6.29
CA PRO B 515 -20.94 20.66 6.36
C PRO B 515 -19.75 21.49 5.95
N CYS B 516 -19.94 22.69 5.41
CA CYS B 516 -18.85 23.54 4.97
C CYS B 516 -18.31 24.47 6.05
N ARG B 517 -18.93 24.46 7.25
CA ARG B 517 -18.38 25.26 8.34
C ARG B 517 -17.14 24.59 8.92
N PRO B 518 -16.17 25.37 9.38
CA PRO B 518 -14.97 24.77 10.00
C PRO B 518 -15.32 24.00 11.25
N VAL B 519 -14.49 22.99 11.57
CA VAL B 519 -14.70 22.21 12.77
C VAL B 519 -14.44 23.01 14.04
N ALA B 520 -13.87 24.21 13.92
CA ALA B 520 -13.69 25.14 15.03
C ALA B 520 -13.03 24.50 16.24
#